data_1EWT
#
_entry.id   1EWT
#
_cell.length_a   111.436
_cell.length_b   111.436
_cell.length_c   293.673
_cell.angle_alpha   90.00
_cell.angle_beta   90.00
_cell.angle_gamma   90.00
#
_symmetry.space_group_name_H-M   'P 41 21 2'
#
loop_
_entity.id
_entity.type
_entity.pdbx_description
1 polymer 'METABOTROPIC GLUTAMATE RECEPTOR SUBTYPE 1'
2 non-polymer 'SULFATE ION'
3 non-polymer 2-acetamido-2-deoxy-beta-D-glucopyranose
#
_entity_poly.entity_id   1
_entity_poly.type   'polypeptide(L)'
_entity_poly.pdbx_seq_one_letter_code
;SSQRSVARMDGDVIIGALFSVHHQPPAEKVPERKCGEIREQYGIQRVEAMFHTLDKINADPVLLPNITLGSEIRDSCWHS
SVALEQSIEFIRDSLISIRDEKDGLNRCLPDGQTLPPGRTKKPIAGVIGPGSSSVAIQVQNLLQLFDIPQIAYSATSIDL
SDKTLYKYFLRVVPSDTLQARAMLDIVKRYNWTYVSAVHTEGNYGESGMDAFKELAAQEGLCIAHSDKIYSNAGEKSFDR
LLRKLRERLPKARVVVCFCEGMTVRGLLSAMRRLGVVGEFSLIGSDGWADRDEVIEGYEVEANGGITIKLQSPEVRSFDD
YFLKLRLDTNTRNPWFPEFWQHRFQCRLPGHLLENPNFKKVCTGNESLEENYVQDSKMGFVINAIYAMAHGLQNMHHALC
PGHVGLCDAMKPIDGRKLLDFLIKSSFVGVSGEEVWFDEKGDAPGRYDIMNLQYTEANRYDYVHVGTWHEGVLNIDDYKI
QMNKSGMVRS
;
_entity_poly.pdbx_strand_id   A,B
#
loop_
_chem_comp.id
_chem_comp.type
_chem_comp.name
_chem_comp.formula
NAG D-saccharide, beta linking 2-acetamido-2-deoxy-beta-D-glucopyranose 'C8 H15 N O6'
SO4 non-polymer 'SULFATE ION' 'O4 S -2'
#
# COMPACT_ATOMS: atom_id res chain seq x y z
N GLN A 3 0.76 12.90 20.80
CA GLN A 3 -0.01 13.41 21.97
C GLN A 3 -1.37 12.71 22.22
N ARG A 4 -1.69 11.67 21.45
CA ARG A 4 -2.94 10.93 21.63
C ARG A 4 -2.71 9.88 22.71
N SER A 5 -3.73 9.54 23.48
CA SER A 5 -3.56 8.56 24.57
C SER A 5 -3.29 7.13 24.10
N VAL A 6 -2.56 6.37 24.91
CA VAL A 6 -2.26 4.99 24.57
C VAL A 6 -2.31 4.06 25.76
N ALA A 7 -2.94 2.90 25.57
CA ALA A 7 -3.07 1.92 26.63
C ALA A 7 -1.89 0.98 26.59
N ARG A 8 -1.16 0.88 27.68
CA ARG A 8 0.01 0.01 27.70
C ARG A 8 0.00 -0.94 28.88
N MET A 9 0.49 -2.15 28.60
CA MET A 9 0.75 -3.12 29.64
C MET A 9 2.01 -3.90 29.24
N ASP A 10 3.02 -3.86 30.12
CA ASP A 10 4.31 -4.42 29.72
C ASP A 10 4.33 -5.95 29.72
N GLY A 11 5.32 -6.49 29.01
CA GLY A 11 5.46 -7.94 28.93
C GLY A 11 6.71 -8.35 28.16
N ASP A 12 6.78 -9.59 27.70
CA ASP A 12 7.97 -10.06 26.98
C ASP A 12 7.75 -10.01 25.46
N VAL A 13 6.51 -10.32 25.08
CA VAL A 13 6.09 -10.14 23.72
C VAL A 13 4.87 -9.24 23.74
N ILE A 14 4.97 -8.10 23.04
CA ILE A 14 3.88 -7.13 23.14
C ILE A 14 2.91 -7.23 21.98
N ILE A 15 1.70 -7.68 22.29
CA ILE A 15 0.61 -7.69 21.30
C ILE A 15 -0.03 -6.31 21.16
N GLY A 16 -0.03 -5.79 19.92
CA GLY A 16 -0.55 -4.45 19.69
C GLY A 16 -1.93 -4.46 19.03
N ALA A 17 -2.86 -3.68 19.60
CA ALA A 17 -4.23 -3.73 19.08
C ALA A 17 -4.75 -2.34 18.69
N LEU A 18 -5.69 -2.35 17.73
CA LEU A 18 -6.37 -1.12 17.33
C LEU A 18 -7.87 -1.18 17.66
N PHE A 19 -8.33 -0.40 18.64
CA PHE A 19 -9.75 -0.41 18.99
C PHE A 19 -10.36 0.95 18.81
N SER A 20 -11.59 0.95 18.32
CA SER A 20 -12.32 2.17 18.13
C SER A 20 -12.72 2.71 19.49
N VAL A 21 -11.82 3.40 20.18
CA VAL A 21 -12.15 3.94 21.49
C VAL A 21 -13.12 5.12 21.35
N HIS A 22 -12.95 5.92 20.31
CA HIS A 22 -13.81 7.07 20.08
C HIS A 22 -14.43 6.98 18.69
N HIS A 23 -15.60 7.58 18.49
CA HIS A 23 -16.24 7.58 17.17
C HIS A 23 -15.31 8.26 16.19
N GLN A 24 -15.62 8.17 14.89
CA GLN A 24 -14.76 8.78 13.89
C GLN A 24 -14.91 10.28 13.82
N PRO A 25 -13.85 10.99 13.39
CA PRO A 25 -13.84 12.42 13.28
C PRO A 25 -14.99 12.85 12.36
N PRO A 26 -15.64 13.94 12.73
CA PRO A 26 -16.67 14.55 11.90
C PRO A 26 -16.21 14.88 10.48
N ALA A 27 -17.16 14.85 9.52
CA ALA A 27 -16.87 15.03 8.10
C ALA A 27 -15.71 16.03 7.82
N GLU A 28 -15.81 17.24 8.35
CA GLU A 28 -14.83 18.30 8.10
C GLU A 28 -13.59 18.37 8.98
N LYS A 29 -13.47 17.50 9.97
CA LYS A 29 -12.30 17.55 10.86
C LYS A 29 -11.28 16.44 10.60
N VAL A 30 -11.59 15.56 9.65
CA VAL A 30 -10.72 14.44 9.29
C VAL A 30 -9.25 14.85 9.08
N PRO A 31 -9.00 15.95 8.36
CA PRO A 31 -7.62 16.39 8.11
C PRO A 31 -6.79 16.49 9.39
N GLU A 32 -7.26 17.28 10.35
CA GLU A 32 -6.52 17.45 11.61
C GLU A 32 -6.71 16.24 12.56
N ARG A 33 -7.53 15.26 12.10
CA ARG A 33 -7.69 13.98 12.80
C ARG A 33 -8.06 14.09 14.29
N LYS A 34 -9.05 14.96 14.57
CA LYS A 34 -9.63 15.00 15.91
C LYS A 34 -10.96 14.22 16.02
N CYS A 35 -10.90 13.05 16.70
CA CYS A 35 -12.05 12.13 16.74
C CYS A 35 -13.18 12.57 17.69
N GLY A 36 -14.36 11.92 17.52
CA GLY A 36 -15.56 12.34 18.26
C GLY A 36 -15.71 11.75 19.67
N GLU A 37 -16.99 11.49 20.04
CA GLU A 37 -17.37 11.06 21.39
C GLU A 37 -16.85 9.67 21.76
N ILE A 38 -16.63 9.37 23.03
CA ILE A 38 -16.11 8.06 23.39
C ILE A 38 -17.11 6.91 23.17
N ARG A 39 -16.60 5.69 23.08
CA ARG A 39 -17.44 4.51 22.84
C ARG A 39 -17.21 3.40 23.85
N GLU A 40 -18.31 2.80 24.34
CA GLU A 40 -18.21 1.72 25.34
C GLU A 40 -18.14 0.33 24.72
N GLN A 41 -19.11 0.05 23.82
CA GLN A 41 -19.17 -1.28 23.23
C GLN A 41 -17.95 -1.57 22.36
N TYR A 42 -17.82 -0.80 21.25
CA TYR A 42 -16.71 -0.96 20.30
C TYR A 42 -15.38 -0.40 20.86
N GLY A 43 -15.38 -0.03 22.15
CA GLY A 43 -14.21 0.71 22.65
C GLY A 43 -13.75 0.27 24.05
N ILE A 44 -14.20 1.05 25.06
CA ILE A 44 -13.74 0.79 26.43
C ILE A 44 -13.82 -0.69 26.82
N GLN A 45 -14.91 -1.34 26.37
CA GLN A 45 -15.04 -2.76 26.69
C GLN A 45 -13.91 -3.58 26.08
N ARG A 46 -13.75 -3.44 24.75
CA ARG A 46 -12.71 -4.17 24.04
C ARG A 46 -11.32 -3.88 24.61
N VAL A 47 -11.05 -2.58 24.85
CA VAL A 47 -9.81 -2.26 25.54
C VAL A 47 -9.68 -3.11 26.82
N GLU A 48 -10.70 -2.99 27.70
CA GLU A 48 -10.69 -3.79 28.92
C GLU A 48 -10.70 -5.29 28.60
N ALA A 49 -11.34 -5.68 27.51
CA ALA A 49 -11.41 -7.08 27.12
C ALA A 49 -10.00 -7.59 26.87
N MET A 50 -9.21 -6.83 26.12
CA MET A 50 -7.85 -7.24 25.83
C MET A 50 -7.03 -7.31 27.10
N PHE A 51 -7.12 -6.26 27.92
CA PHE A 51 -6.37 -6.26 29.17
C PHE A 51 -6.72 -7.53 29.94
N HIS A 52 -8.04 -7.74 30.07
CA HIS A 52 -8.54 -8.90 30.81
C HIS A 52 -8.03 -10.23 30.23
N THR A 53 -8.36 -10.45 28.94
CA THR A 53 -7.89 -11.68 28.30
C THR A 53 -6.40 -11.91 28.57
N LEU A 54 -5.60 -10.91 28.17
CA LEU A 54 -4.17 -11.04 28.37
C LEU A 54 -3.80 -11.47 29.80
N ASP A 55 -4.68 -11.07 30.76
CA ASP A 55 -4.45 -11.44 32.15
C ASP A 55 -4.69 -12.94 32.39
N LYS A 56 -5.88 -13.39 31.94
CA LYS A 56 -6.21 -14.80 32.07
C LYS A 56 -5.08 -15.70 31.56
N ILE A 57 -4.39 -15.20 30.51
CA ILE A 57 -3.37 -16.02 29.85
C ILE A 57 -2.08 -16.11 30.66
N ASN A 58 -1.76 -14.99 31.36
CA ASN A 58 -0.51 -14.93 32.11
C ASN A 58 -0.61 -15.77 33.39
N ALA A 59 -1.85 -16.27 33.55
CA ALA A 59 -2.20 -17.09 34.70
C ALA A 59 -2.29 -18.56 34.28
N ASP A 60 -2.71 -18.81 33.05
CA ASP A 60 -2.82 -20.17 32.54
C ASP A 60 -1.41 -20.72 32.63
N PRO A 61 -1.22 -21.82 33.37
CA PRO A 61 0.10 -22.45 33.55
C PRO A 61 0.48 -23.36 32.37
N VAL A 62 -0.49 -23.68 31.53
CA VAL A 62 -0.24 -24.52 30.37
C VAL A 62 0.28 -23.68 29.18
N LEU A 63 -0.55 -22.70 28.75
CA LEU A 63 -0.22 -21.88 27.58
C LEU A 63 0.79 -20.76 27.90
N LEU A 64 1.81 -20.63 27.03
CA LEU A 64 2.82 -19.57 27.22
C LEU A 64 3.25 -19.44 28.69
N PRO A 65 3.91 -20.53 29.14
CA PRO A 65 4.32 -20.78 30.52
C PRO A 65 5.07 -19.64 31.23
N ASN A 66 6.28 -19.34 30.77
CA ASN A 66 7.00 -18.28 31.45
C ASN A 66 7.37 -17.15 30.45
N ILE A 67 6.35 -16.77 29.68
CA ILE A 67 6.44 -15.69 28.72
C ILE A 67 5.18 -14.85 28.92
N THR A 68 5.34 -13.66 29.49
CA THR A 68 4.20 -12.78 29.73
C THR A 68 3.79 -12.05 28.46
N LEU A 69 2.49 -11.98 28.23
CA LEU A 69 1.98 -11.28 27.07
C LEU A 69 1.62 -9.87 27.48
N GLY A 70 2.11 -8.90 26.72
CA GLY A 70 1.81 -7.53 27.02
C GLY A 70 1.23 -6.90 25.77
N SER A 71 0.66 -5.70 25.89
CA SER A 71 0.09 -5.12 24.69
C SER A 71 0.23 -3.61 24.70
N GLU A 72 0.13 -3.08 23.48
CA GLU A 72 -0.01 -1.66 23.31
C GLU A 72 -1.28 -1.43 22.52
N ILE A 73 -2.25 -0.78 23.19
CA ILE A 73 -3.55 -0.61 22.57
C ILE A 73 -3.74 0.82 22.11
N ARG A 74 -3.96 1.02 20.81
CA ARG A 74 -4.16 2.38 20.28
C ARG A 74 -5.57 2.60 19.74
N ASP A 75 -6.00 3.85 19.74
CA ASP A 75 -7.32 4.20 19.28
C ASP A 75 -7.42 4.38 17.76
N SER A 76 -8.27 3.58 17.12
CA SER A 76 -8.44 3.64 15.68
C SER A 76 -9.47 4.67 15.25
N CYS A 77 -10.31 5.10 16.17
CA CYS A 77 -11.38 6.05 15.94
C CYS A 77 -12.25 5.58 14.79
N TRP A 78 -12.16 4.26 14.52
CA TRP A 78 -12.92 3.71 13.43
C TRP A 78 -12.70 4.51 12.16
N HIS A 79 -11.40 4.78 11.86
CA HIS A 79 -11.10 5.55 10.65
C HIS A 79 -9.66 5.32 10.18
N SER A 80 -9.59 5.07 8.86
CA SER A 80 -8.32 4.84 8.18
C SER A 80 -7.33 5.92 8.55
N SER A 81 -7.76 7.18 8.31
CA SER A 81 -6.94 8.34 8.60
C SER A 81 -6.16 8.18 9.90
N VAL A 82 -6.88 7.77 10.97
CA VAL A 82 -6.24 7.65 12.28
C VAL A 82 -5.57 6.29 12.47
N ALA A 83 -6.34 5.22 12.18
CA ALA A 83 -5.76 3.89 12.35
C ALA A 83 -4.38 3.80 11.70
N LEU A 84 -4.25 4.48 10.55
CA LEU A 84 -2.95 4.52 9.91
C LEU A 84 -1.99 5.37 10.71
N GLU A 85 -2.48 6.52 11.16
CA GLU A 85 -1.66 7.43 11.96
C GLU A 85 -1.01 6.65 13.08
N GLN A 86 -1.81 5.84 13.75
CA GLN A 86 -1.35 5.03 14.87
C GLN A 86 -0.49 3.86 14.40
N SER A 87 -0.99 3.13 13.40
CA SER A 87 -0.24 1.99 12.90
C SER A 87 1.20 2.38 12.58
N ILE A 88 1.36 3.58 11.97
CA ILE A 88 2.72 4.06 11.73
C ILE A 88 3.57 3.89 12.97
N GLU A 89 3.03 4.43 14.10
CA GLU A 89 3.73 4.38 15.39
C GLU A 89 4.11 2.98 15.83
N PHE A 90 3.19 2.02 15.56
CA PHE A 90 3.55 0.65 15.88
C PHE A 90 4.91 0.35 15.28
N ILE A 91 5.00 0.71 13.99
CA ILE A 91 6.17 0.46 13.16
C ILE A 91 7.37 1.36 13.49
N ARG A 92 7.11 2.68 13.62
CA ARG A 92 8.17 3.59 14.07
C ARG A 92 8.88 2.96 15.26
N ASP A 93 8.11 2.84 16.35
CA ASP A 93 8.66 2.24 17.55
C ASP A 93 9.39 0.93 17.22
N SER A 94 8.74 0.00 16.52
CA SER A 94 9.38 -1.30 16.23
C SER A 94 10.74 -1.16 15.56
N LEU A 95 10.79 -0.30 14.52
CA LEU A 95 12.04 -0.14 13.81
C LEU A 95 13.17 0.27 14.75
N ILE A 96 12.80 0.89 15.90
CA ILE A 96 13.78 1.40 16.85
C ILE A 96 14.32 0.35 17.84
N SER A 97 13.40 -0.36 18.53
CA SER A 97 13.88 -1.34 19.51
C SER A 97 14.58 -2.53 18.81
N ILE A 98 15.25 -2.18 17.71
CA ILE A 98 15.99 -3.14 16.91
C ILE A 98 17.44 -2.64 16.93
N ARG A 99 17.64 -1.47 17.54
CA ARG A 99 18.96 -0.85 17.63
C ARG A 99 19.17 -0.05 18.92
N LYS A 122 10.25 -1.41 23.50
CA LYS A 122 9.93 -2.77 23.03
C LYS A 122 9.02 -2.76 21.78
N PRO A 123 9.26 -3.66 20.83
CA PRO A 123 8.53 -3.81 19.57
C PRO A 123 7.24 -4.63 19.58
N ILE A 124 6.39 -4.36 18.59
CA ILE A 124 5.11 -5.05 18.43
C ILE A 124 5.38 -6.40 17.79
N ALA A 125 4.57 -7.39 18.16
CA ALA A 125 4.70 -8.74 17.62
C ALA A 125 3.65 -8.98 16.55
N GLY A 126 2.47 -8.43 16.79
CA GLY A 126 1.35 -8.56 15.85
C GLY A 126 0.27 -7.57 16.24
N VAL A 127 -0.81 -7.49 15.46
CA VAL A 127 -1.89 -6.54 15.79
C VAL A 127 -3.31 -7.10 15.78
N ILE A 128 -4.03 -6.86 16.86
CA ILE A 128 -5.40 -7.31 16.92
C ILE A 128 -6.14 -6.09 16.43
N GLY A 129 -7.06 -6.27 15.50
CA GLY A 129 -7.80 -5.14 14.88
C GLY A 129 -7.35 -4.93 13.43
N PRO A 130 -7.95 -3.91 12.74
CA PRO A 130 -8.97 -3.02 13.28
C PRO A 130 -10.40 -3.55 13.05
N GLY A 131 -11.37 -2.81 13.63
CA GLY A 131 -12.77 -3.27 13.60
C GLY A 131 -13.36 -3.28 12.17
N SER A 132 -13.24 -2.21 11.39
CA SER A 132 -13.81 -2.15 10.06
C SER A 132 -12.96 -2.78 8.95
N SER A 133 -13.60 -3.39 7.97
CA SER A 133 -12.86 -4.00 6.86
C SER A 133 -12.20 -2.90 6.02
N SER A 134 -13.04 -1.93 5.59
CA SER A 134 -12.48 -0.88 4.74
C SER A 134 -11.20 -0.29 5.35
N VAL A 135 -11.15 -0.31 6.70
CA VAL A 135 -9.98 0.18 7.42
C VAL A 135 -8.89 -0.90 7.55
N ALA A 136 -9.31 -2.09 8.00
CA ALA A 136 -8.35 -3.18 8.15
C ALA A 136 -7.50 -3.34 6.89
N ILE A 137 -8.08 -2.94 5.77
CA ILE A 137 -7.40 -2.99 4.50
C ILE A 137 -6.25 -2.02 4.55
N GLN A 138 -6.53 -0.79 4.96
CA GLN A 138 -5.48 0.22 5.07
C GLN A 138 -4.44 -0.23 6.08
N VAL A 139 -4.87 -0.69 7.24
CA VAL A 139 -3.92 -1.14 8.24
C VAL A 139 -3.06 -2.27 7.66
N GLN A 140 -3.71 -3.25 7.04
CA GLN A 140 -3.00 -4.38 6.46
C GLN A 140 -2.05 -3.96 5.35
N ASN A 141 -2.46 -2.99 4.55
CA ASN A 141 -1.63 -2.50 3.45
C ASN A 141 -0.35 -1.88 3.99
N LEU A 142 -0.43 -1.30 5.18
CA LEU A 142 0.72 -0.68 5.80
C LEU A 142 1.43 -1.70 6.68
N LEU A 143 0.67 -2.41 7.49
CA LEU A 143 1.25 -3.41 8.37
C LEU A 143 1.99 -4.50 7.65
N GLN A 144 1.57 -4.82 6.42
CA GLN A 144 2.20 -5.90 5.67
C GLN A 144 3.56 -5.52 5.13
N LEU A 145 3.74 -4.21 4.89
CA LEU A 145 5.04 -3.81 4.44
C LEU A 145 6.11 -4.37 5.41
N PHE A 146 5.87 -4.15 6.73
CA PHE A 146 6.87 -4.47 7.77
C PHE A 146 6.70 -5.87 8.42
N ASP A 147 6.19 -6.86 7.67
CA ASP A 147 6.09 -8.23 8.21
C ASP A 147 5.44 -8.29 9.61
N ILE A 148 4.33 -7.52 9.78
CA ILE A 148 3.59 -7.64 11.04
C ILE A 148 2.26 -8.36 10.77
N PRO A 149 2.04 -9.52 11.43
CA PRO A 149 0.78 -10.25 11.22
C PRO A 149 -0.38 -9.46 11.81
N GLN A 150 -1.55 -9.55 11.14
CA GLN A 150 -2.73 -8.82 11.62
C GLN A 150 -3.93 -9.75 11.80
N ILE A 151 -4.45 -9.92 13.01
CA ILE A 151 -5.64 -10.75 13.22
C ILE A 151 -6.86 -9.86 13.49
N ALA A 152 -7.94 -10.06 12.71
CA ALA A 152 -9.19 -9.27 12.80
C ALA A 152 -10.40 -10.08 13.30
N TYR A 153 -11.31 -9.39 14.05
CA TYR A 153 -12.45 -10.07 14.67
C TYR A 153 -13.82 -9.66 14.10
N SER A 154 -13.84 -8.72 13.13
CA SER A 154 -15.16 -8.36 12.61
C SER A 154 -15.08 -7.93 11.14
N ALA A 155 -13.83 -7.88 10.64
CA ALA A 155 -13.62 -7.55 9.25
C ALA A 155 -14.01 -8.73 8.38
N THR A 156 -15.17 -8.59 7.72
CA THR A 156 -15.67 -9.69 6.93
C THR A 156 -15.62 -9.42 5.43
N SER A 157 -15.02 -8.28 5.05
CA SER A 157 -14.92 -8.05 3.62
C SER A 157 -14.24 -9.25 2.94
N ILE A 158 -14.73 -9.64 1.75
CA ILE A 158 -14.11 -10.81 1.16
C ILE A 158 -12.87 -10.47 0.34
N ASP A 159 -12.57 -9.20 0.21
CA ASP A 159 -11.33 -8.84 -0.49
C ASP A 159 -10.12 -9.24 0.34
N LEU A 160 -10.31 -9.23 1.67
CA LEU A 160 -9.17 -9.52 2.54
C LEU A 160 -8.60 -10.94 2.29
N SER A 161 -9.40 -11.80 1.65
CA SER A 161 -8.97 -13.19 1.41
C SER A 161 -7.87 -13.31 0.35
N ASP A 162 -7.71 -12.27 -0.45
CA ASP A 162 -6.70 -12.24 -1.50
C ASP A 162 -5.37 -12.06 -0.79
N LYS A 163 -4.64 -13.17 -0.71
CA LYS A 163 -3.37 -13.16 -0.02
C LYS A 163 -2.24 -12.64 -0.90
N THR A 164 -2.59 -12.38 -2.17
CA THR A 164 -1.60 -11.71 -2.97
C THR A 164 -1.56 -10.21 -2.65
N LEU A 165 -2.67 -9.73 -2.03
CA LEU A 165 -2.80 -8.31 -1.72
C LEU A 165 -2.80 -8.03 -0.22
N TYR A 166 -3.20 -9.06 0.57
CA TYR A 166 -3.27 -8.88 2.02
C TYR A 166 -2.61 -10.06 2.76
N LYS A 167 -1.40 -10.40 2.31
CA LYS A 167 -0.62 -11.54 2.80
C LYS A 167 -0.56 -11.77 4.30
N TYR A 168 -0.42 -10.68 5.06
CA TYR A 168 -0.28 -10.80 6.53
C TYR A 168 -1.60 -10.57 7.29
N PHE A 169 -2.76 -10.92 6.63
CA PHE A 169 -4.07 -10.69 7.28
C PHE A 169 -4.86 -11.98 7.50
N LEU A 170 -5.33 -12.16 8.75
CA LEU A 170 -6.25 -13.25 9.04
C LEU A 170 -7.30 -12.84 10.06
N ARG A 171 -8.32 -13.70 10.25
CA ARG A 171 -9.38 -13.36 11.19
C ARG A 171 -9.89 -14.58 11.95
N VAL A 172 -10.44 -14.30 13.11
CA VAL A 172 -11.00 -15.35 13.94
C VAL A 172 -12.46 -15.41 13.53
N VAL A 173 -12.81 -14.55 12.58
CA VAL A 173 -14.16 -14.44 12.05
C VAL A 173 -14.24 -14.91 10.60
N PRO A 174 -15.37 -15.55 10.23
CA PRO A 174 -15.65 -16.09 8.90
C PRO A 174 -15.66 -14.97 7.85
N SER A 175 -15.42 -15.35 6.59
CA SER A 175 -15.57 -14.40 5.48
C SER A 175 -17.02 -14.32 5.03
N ASP A 176 -17.33 -13.19 4.34
CA ASP A 176 -18.70 -12.93 3.87
C ASP A 176 -19.12 -13.76 2.67
N THR A 177 -18.13 -14.30 1.93
CA THR A 177 -18.61 -15.20 0.90
C THR A 177 -19.43 -16.29 1.56
N LEU A 178 -18.88 -16.77 2.68
CA LEU A 178 -19.59 -17.79 3.44
C LEU A 178 -21.01 -17.34 3.80
N GLN A 179 -21.21 -15.99 3.83
CA GLN A 179 -22.55 -15.50 4.16
C GLN A 179 -23.48 -15.39 2.94
N ALA A 180 -22.95 -14.81 1.84
CA ALA A 180 -23.77 -14.88 0.65
C ALA A 180 -24.16 -16.34 0.42
N ARG A 181 -23.21 -17.22 0.81
CA ARG A 181 -23.42 -18.65 0.73
C ARG A 181 -24.63 -19.12 1.53
N ALA A 182 -24.62 -18.80 2.85
CA ALA A 182 -25.71 -19.22 3.69
C ALA A 182 -27.04 -18.57 3.29
N MET A 183 -26.93 -17.32 2.81
CA MET A 183 -28.15 -16.67 2.37
C MET A 183 -28.68 -17.33 1.12
N LEU A 184 -27.78 -17.70 0.22
CA LEU A 184 -28.20 -18.36 -0.98
C LEU A 184 -28.79 -19.72 -0.64
N ASP A 185 -28.10 -20.48 0.20
CA ASP A 185 -28.59 -21.80 0.60
C ASP A 185 -29.98 -21.70 1.21
N ILE A 186 -30.28 -20.56 1.82
CA ILE A 186 -31.59 -20.34 2.40
C ILE A 186 -32.53 -20.15 1.22
N VAL A 187 -32.09 -19.39 0.23
CA VAL A 187 -32.91 -19.16 -0.94
C VAL A 187 -33.11 -20.47 -1.68
N LYS A 188 -32.12 -21.36 -1.61
CA LYS A 188 -32.19 -22.68 -2.30
C LYS A 188 -33.18 -23.62 -1.62
N ARG A 189 -33.07 -23.68 -0.29
CA ARG A 189 -33.90 -24.60 0.48
C ARG A 189 -35.41 -24.43 0.20
N TYR A 190 -35.78 -23.20 -0.24
CA TYR A 190 -37.20 -22.91 -0.40
C TYR A 190 -37.66 -22.84 -1.87
N ASN A 191 -36.92 -23.50 -2.76
CA ASN A 191 -37.36 -23.58 -4.17
C ASN A 191 -37.68 -22.21 -4.81
N TRP A 192 -36.84 -21.18 -4.57
CA TRP A 192 -37.15 -19.86 -5.17
C TRP A 192 -36.34 -19.60 -6.43
N THR A 193 -36.97 -18.90 -7.40
CA THR A 193 -36.29 -18.67 -8.68
C THR A 193 -35.82 -17.23 -8.94
N TYR A 194 -36.71 -16.25 -8.63
CA TYR A 194 -36.32 -14.86 -8.82
C TYR A 194 -36.27 -14.11 -7.48
N VAL A 195 -35.19 -13.37 -7.24
CA VAL A 195 -35.04 -12.60 -6.00
C VAL A 195 -34.44 -11.23 -6.30
N SER A 196 -35.05 -10.19 -5.70
CA SER A 196 -34.48 -8.86 -5.81
C SER A 196 -33.16 -8.77 -5.05
N ALA A 197 -32.32 -7.81 -5.46
CA ALA A 197 -31.04 -7.68 -4.81
C ALA A 197 -30.77 -6.24 -4.37
N VAL A 198 -30.99 -5.99 -3.07
CA VAL A 198 -30.63 -4.71 -2.49
C VAL A 198 -29.50 -4.85 -1.48
N HIS A 199 -28.52 -3.95 -1.59
CA HIS A 199 -27.48 -3.97 -0.58
C HIS A 199 -26.98 -2.55 -0.27
N THR A 200 -26.48 -2.42 0.97
CA THR A 200 -25.92 -1.16 1.38
C THR A 200 -24.70 -0.81 0.54
N GLU A 201 -24.50 0.47 0.27
CA GLU A 201 -23.37 0.94 -0.54
C GLU A 201 -22.12 0.89 0.32
N GLY A 202 -20.98 0.73 -0.31
CA GLY A 202 -19.75 0.68 0.44
C GLY A 202 -19.00 -0.61 0.24
N ASN A 203 -18.25 -1.02 1.26
CA ASN A 203 -17.46 -2.23 1.18
C ASN A 203 -18.25 -3.44 1.64
N TYR A 204 -18.83 -3.33 2.85
CA TYR A 204 -19.62 -4.44 3.39
C TYR A 204 -20.68 -4.87 2.37
N GLY A 205 -21.36 -3.85 1.82
CA GLY A 205 -22.40 -4.11 0.83
C GLY A 205 -21.83 -4.82 -0.40
N GLU A 206 -20.99 -4.08 -1.15
CA GLU A 206 -20.43 -4.61 -2.40
C GLU A 206 -19.80 -6.00 -2.24
N SER A 207 -18.89 -6.13 -1.24
CA SER A 207 -18.22 -7.41 -1.04
C SER A 207 -19.23 -8.57 -1.07
N GLY A 208 -20.07 -8.62 -0.02
CA GLY A 208 -21.05 -9.71 0.11
C GLY A 208 -21.88 -9.94 -1.16
N MET A 209 -22.57 -8.90 -1.62
CA MET A 209 -23.41 -9.05 -2.79
C MET A 209 -22.59 -9.57 -3.97
N ASP A 210 -21.41 -9.01 -4.16
CA ASP A 210 -20.53 -9.42 -5.25
C ASP A 210 -20.32 -10.93 -5.19
N ALA A 211 -20.36 -11.48 -3.99
CA ALA A 211 -20.19 -12.91 -3.81
C ALA A 211 -21.52 -13.63 -3.99
N PHE A 212 -22.61 -12.98 -3.58
CA PHE A 212 -23.93 -13.60 -3.78
C PHE A 212 -24.33 -13.62 -5.25
N LYS A 213 -24.26 -12.43 -5.87
CA LYS A 213 -24.59 -12.34 -7.28
C LYS A 213 -23.91 -13.45 -8.08
N GLU A 214 -22.60 -13.62 -7.79
CA GLU A 214 -21.83 -14.63 -8.49
C GLU A 214 -22.17 -16.04 -8.02
N LEU A 215 -22.12 -16.23 -6.68
CA LEU A 215 -22.44 -17.56 -6.16
C LEU A 215 -23.85 -17.96 -6.61
N ALA A 216 -24.67 -16.91 -6.89
CA ALA A 216 -26.03 -17.14 -7.33
C ALA A 216 -26.08 -17.56 -8.79
N ALA A 217 -25.39 -16.76 -9.65
CA ALA A 217 -25.38 -17.03 -11.07
C ALA A 217 -24.96 -18.48 -11.38
N GLN A 218 -24.16 -19.08 -10.45
CA GLN A 218 -23.72 -20.46 -10.66
C GLN A 218 -24.84 -21.46 -10.35
N GLU A 219 -25.34 -21.42 -9.12
CA GLU A 219 -26.36 -22.37 -8.66
C GLU A 219 -27.68 -22.28 -9.47
N GLY A 220 -27.81 -21.21 -10.30
CA GLY A 220 -28.95 -21.15 -11.23
C GLY A 220 -29.86 -19.92 -11.02
N LEU A 221 -30.03 -19.52 -9.75
CA LEU A 221 -30.97 -18.44 -9.40
C LEU A 221 -30.90 -17.22 -10.34
N CYS A 222 -32.08 -16.80 -10.86
CA CYS A 222 -32.11 -15.64 -11.75
C CYS A 222 -32.41 -14.33 -10.99
N ILE A 223 -31.40 -13.47 -10.88
CA ILE A 223 -31.56 -12.22 -10.16
C ILE A 223 -32.55 -11.32 -10.89
N ALA A 224 -33.67 -11.07 -10.21
CA ALA A 224 -34.65 -10.13 -10.75
C ALA A 224 -34.09 -8.71 -10.65
N HIS A 225 -34.85 -7.83 -9.97
CA HIS A 225 -34.39 -6.43 -9.79
C HIS A 225 -33.13 -6.32 -8.91
N SER A 226 -32.27 -5.29 -9.23
CA SER A 226 -31.02 -5.08 -8.50
C SER A 226 -30.70 -3.61 -8.25
N ASP A 227 -30.55 -3.25 -6.95
CA ASP A 227 -30.26 -1.85 -6.58
C ASP A 227 -29.17 -1.73 -5.48
N LYS A 228 -28.70 -0.51 -5.23
CA LYS A 228 -27.76 -0.18 -4.14
C LYS A 228 -27.95 1.24 -3.60
N ILE A 229 -27.86 1.37 -2.24
CA ILE A 229 -28.11 2.67 -1.63
C ILE A 229 -27.29 2.89 -0.35
N TYR A 230 -27.04 4.20 -0.06
CA TYR A 230 -26.32 4.56 1.16
C TYR A 230 -27.24 4.59 2.38
N SER A 231 -26.80 4.01 3.50
CA SER A 231 -27.60 3.95 4.71
C SER A 231 -28.07 5.32 5.17
N ASN A 232 -27.22 6.33 5.01
CA ASN A 232 -27.53 7.69 5.41
C ASN A 232 -28.10 8.54 4.28
N ALA A 233 -28.95 7.93 3.46
CA ALA A 233 -29.57 8.63 2.34
C ALA A 233 -30.99 9.07 2.73
N GLY A 234 -31.48 10.13 2.10
CA GLY A 234 -32.80 10.67 2.41
C GLY A 234 -33.99 9.78 2.07
N GLU A 235 -35.13 10.09 2.68
CA GLU A 235 -36.36 9.34 2.44
C GLU A 235 -36.65 9.27 0.94
N LYS A 236 -36.24 10.32 0.23
CA LYS A 236 -36.44 10.39 -1.22
C LYS A 236 -35.73 9.20 -1.86
N SER A 237 -34.44 9.06 -1.54
CA SER A 237 -33.62 7.99 -2.08
C SER A 237 -34.26 6.61 -1.91
N PHE A 238 -34.76 6.33 -0.72
CA PHE A 238 -35.41 5.04 -0.43
C PHE A 238 -36.73 4.84 -1.18
N ASP A 239 -37.57 5.87 -1.20
CA ASP A 239 -38.85 5.77 -1.89
C ASP A 239 -38.61 5.31 -3.33
N ARG A 240 -37.60 5.88 -3.97
CA ARG A 240 -37.25 5.53 -5.35
C ARG A 240 -36.82 4.06 -5.42
N LEU A 241 -36.22 3.59 -4.32
CA LEU A 241 -35.77 2.21 -4.22
C LEU A 241 -36.98 1.28 -4.07
N LEU A 242 -37.90 1.66 -3.20
CA LEU A 242 -39.09 0.86 -2.95
C LEU A 242 -39.94 0.73 -4.20
N ARG A 243 -40.14 1.84 -4.90
CA ARG A 243 -40.92 1.80 -6.14
C ARG A 243 -40.34 0.71 -7.00
N LYS A 244 -39.14 0.96 -7.52
CA LYS A 244 -38.44 0.02 -8.38
C LYS A 244 -38.59 -1.44 -7.93
N LEU A 245 -38.47 -1.69 -6.61
CA LEU A 245 -38.60 -3.04 -6.09
C LEU A 245 -39.99 -3.63 -6.39
N ARG A 246 -41.02 -2.83 -6.16
CA ARG A 246 -42.42 -3.21 -6.35
C ARG A 246 -42.74 -3.48 -7.82
N GLU A 247 -42.26 -2.56 -8.67
CA GLU A 247 -42.61 -2.65 -10.07
C GLU A 247 -42.21 -4.01 -10.67
N ARG A 248 -41.10 -4.58 -10.15
CA ARG A 248 -40.63 -5.86 -10.69
C ARG A 248 -41.38 -7.07 -10.10
N LEU A 249 -42.37 -6.90 -9.23
CA LEU A 249 -43.17 -8.02 -8.74
C LEU A 249 -43.90 -8.58 -9.96
N PRO A 250 -44.46 -9.81 -9.86
CA PRO A 250 -44.49 -10.76 -8.72
C PRO A 250 -43.28 -11.68 -8.66
N LYS A 251 -42.33 -11.47 -9.56
CA LYS A 251 -41.12 -12.27 -9.61
C LYS A 251 -40.17 -11.78 -8.51
N ALA A 252 -40.00 -10.45 -8.46
CA ALA A 252 -39.15 -9.82 -7.47
C ALA A 252 -39.81 -9.90 -6.10
N ARG A 253 -40.25 -11.09 -5.75
CA ARG A 253 -40.94 -11.38 -4.48
C ARG A 253 -39.96 -11.41 -3.31
N VAL A 254 -38.95 -12.30 -3.44
CA VAL A 254 -37.94 -12.40 -2.39
C VAL A 254 -36.82 -11.40 -2.65
N VAL A 255 -36.71 -10.43 -1.72
CA VAL A 255 -35.61 -9.48 -1.82
C VAL A 255 -34.45 -9.90 -0.94
N VAL A 256 -33.26 -10.01 -1.52
CA VAL A 256 -32.06 -10.37 -0.79
C VAL A 256 -31.25 -9.12 -0.49
N CYS A 257 -31.23 -8.78 0.81
CA CYS A 257 -30.57 -7.56 1.24
C CYS A 257 -29.25 -7.89 1.93
N PHE A 258 -28.15 -7.65 1.20
CA PHE A 258 -26.89 -7.63 1.89
C PHE A 258 -26.65 -6.22 2.43
N CYS A 259 -27.41 -5.91 3.47
CA CYS A 259 -27.54 -4.52 3.88
C CYS A 259 -27.13 -4.32 5.33
N GLU A 260 -26.64 -3.07 5.49
CA GLU A 260 -26.29 -2.54 6.78
C GLU A 260 -27.60 -2.38 7.56
N GLY A 261 -27.50 -2.58 8.88
CA GLY A 261 -28.69 -2.55 9.75
C GLY A 261 -29.71 -1.46 9.36
N MET A 262 -29.21 -0.29 8.90
CA MET A 262 -30.14 0.82 8.66
C MET A 262 -30.61 0.92 7.22
N THR A 263 -29.78 0.40 6.29
CA THR A 263 -30.27 0.34 4.93
C THR A 263 -31.62 -0.36 4.93
N VAL A 264 -31.68 -1.44 5.74
CA VAL A 264 -32.93 -2.18 5.89
C VAL A 264 -34.01 -1.27 6.44
N ARG A 265 -33.84 -0.84 7.69
CA ARG A 265 -34.79 0.05 8.34
C ARG A 265 -35.25 1.15 7.41
N GLY A 266 -34.31 1.77 6.72
CA GLY A 266 -34.67 2.81 5.79
C GLY A 266 -35.70 2.27 4.81
N LEU A 267 -35.47 1.04 4.32
CA LEU A 267 -36.39 0.43 3.37
C LEU A 267 -37.75 0.18 3.97
N LEU A 268 -37.78 0.01 5.28
CA LEU A 268 -39.04 -0.23 5.97
C LEU A 268 -39.78 1.10 6.04
N SER A 269 -39.04 2.17 6.32
CA SER A 269 -39.67 3.47 6.41
C SER A 269 -40.30 3.84 5.08
N ALA A 270 -39.70 3.36 3.98
CA ALA A 270 -40.23 3.63 2.65
C ALA A 270 -41.54 2.90 2.43
N MET A 271 -41.70 1.79 3.16
CA MET A 271 -42.91 0.98 3.08
C MET A 271 -44.01 1.61 3.93
N ARG A 272 -43.63 2.36 4.96
CA ARG A 272 -44.59 3.00 5.84
C ARG A 272 -45.35 4.11 5.10
N ARG A 273 -44.60 5.05 4.52
CA ARG A 273 -45.19 6.16 3.77
C ARG A 273 -46.03 5.65 2.61
N LEU A 274 -45.51 4.68 1.88
CA LEU A 274 -46.24 4.11 0.76
C LEU A 274 -47.34 3.15 1.24
N GLY A 275 -47.55 3.09 2.56
CA GLY A 275 -48.60 2.23 3.12
C GLY A 275 -48.77 0.81 2.66
N VAL A 276 -47.76 0.25 1.99
CA VAL A 276 -47.84 -1.14 1.54
C VAL A 276 -47.23 -2.00 2.64
N VAL A 277 -47.72 -3.21 2.78
CA VAL A 277 -47.21 -4.11 3.81
C VAL A 277 -47.53 -5.55 3.46
N GLY A 278 -46.49 -6.38 3.44
CA GLY A 278 -46.69 -7.78 3.13
C GLY A 278 -46.50 -8.08 1.66
N GLU A 279 -45.93 -7.14 0.92
CA GLU A 279 -45.68 -7.37 -0.51
C GLU A 279 -44.38 -8.13 -0.73
N PHE A 280 -43.36 -7.73 0.07
CA PHE A 280 -42.01 -8.29 0.00
C PHE A 280 -41.71 -9.20 1.19
N SER A 281 -41.00 -10.30 0.91
CA SER A 281 -40.39 -11.07 1.99
C SER A 281 -38.87 -10.88 1.93
N LEU A 282 -38.23 -10.73 3.11
CA LEU A 282 -36.82 -10.33 3.08
C LEU A 282 -35.87 -11.41 3.61
N ILE A 283 -34.62 -11.28 3.19
CA ILE A 283 -33.53 -12.14 3.64
C ILE A 283 -32.36 -11.19 3.86
N GLY A 284 -32.04 -10.90 5.12
CA GLY A 284 -30.97 -9.96 5.40
C GLY A 284 -29.71 -10.50 6.07
N SER A 285 -28.59 -9.83 5.78
CA SER A 285 -27.28 -10.20 6.33
C SER A 285 -27.11 -9.70 7.75
N ASP A 286 -26.06 -10.15 8.44
CA ASP A 286 -25.83 -9.78 9.83
C ASP A 286 -25.89 -8.29 10.11
N GLY A 287 -26.12 -7.49 9.08
CA GLY A 287 -26.23 -6.05 9.30
C GLY A 287 -27.53 -5.86 10.02
N TRP A 288 -28.52 -6.67 9.65
CA TRP A 288 -29.84 -6.62 10.23
C TRP A 288 -29.87 -7.56 11.44
N ALA A 289 -29.44 -8.80 11.24
CA ALA A 289 -29.43 -9.79 12.32
C ALA A 289 -30.67 -9.72 13.19
N ASP A 290 -30.51 -9.86 14.50
CA ASP A 290 -31.64 -9.84 15.40
C ASP A 290 -31.71 -8.57 16.23
N ARG A 291 -31.38 -7.46 15.59
CA ARG A 291 -31.38 -6.16 16.26
C ARG A 291 -32.76 -5.54 16.34
N ASP A 292 -33.25 -5.30 17.56
CA ASP A 292 -34.49 -4.61 17.80
C ASP A 292 -34.38 -3.21 17.24
N GLU A 293 -33.14 -2.78 17.40
CA GLU A 293 -32.75 -1.41 17.07
C GLU A 293 -33.07 -1.06 15.61
N VAL A 294 -33.26 -2.08 14.76
CA VAL A 294 -33.50 -1.85 13.32
C VAL A 294 -35.00 -1.79 12.95
N ILE A 295 -35.79 -2.71 13.56
CA ILE A 295 -37.21 -2.79 13.26
C ILE A 295 -38.05 -2.04 14.28
N GLU A 296 -37.39 -1.14 15.03
CA GLU A 296 -38.11 -0.31 16.01
C GLU A 296 -39.41 0.22 15.40
N GLY A 297 -40.54 -0.17 16.02
CA GLY A 297 -41.82 0.34 15.51
C GLY A 297 -42.31 -0.35 14.22
N TYR A 298 -41.44 -0.33 13.20
CA TYR A 298 -41.67 -0.95 11.90
C TYR A 298 -41.80 -2.47 12.01
N GLU A 299 -42.19 -2.94 13.21
CA GLU A 299 -42.27 -4.39 13.38
C GLU A 299 -43.07 -5.06 12.26
N VAL A 300 -44.10 -4.34 11.77
CA VAL A 300 -45.02 -4.95 10.80
C VAL A 300 -44.44 -5.02 9.39
N GLU A 301 -43.98 -3.86 8.89
CA GLU A 301 -43.46 -3.85 7.53
C GLU A 301 -42.28 -4.81 7.38
N ALA A 302 -41.50 -4.90 8.48
CA ALA A 302 -40.33 -5.76 8.50
C ALA A 302 -40.63 -7.10 9.19
N ASN A 303 -41.83 -7.63 9.04
CA ASN A 303 -42.14 -8.91 9.65
C ASN A 303 -41.82 -10.08 8.73
N GLY A 304 -41.75 -11.28 9.31
CA GLY A 304 -41.47 -12.46 8.54
C GLY A 304 -40.15 -12.48 7.82
N GLY A 305 -39.33 -11.44 7.96
CA GLY A 305 -38.04 -11.45 7.31
C GLY A 305 -37.11 -12.48 7.94
N ILE A 306 -36.18 -13.00 7.14
CA ILE A 306 -35.21 -13.96 7.61
C ILE A 306 -33.85 -13.28 7.60
N THR A 307 -33.10 -13.44 8.69
CA THR A 307 -31.80 -12.79 8.80
C THR A 307 -30.71 -13.72 9.30
N ILE A 308 -29.46 -13.35 9.02
CA ILE A 308 -28.28 -14.11 9.44
C ILE A 308 -27.67 -13.42 10.68
N LYS A 309 -27.59 -14.10 11.81
CA LYS A 309 -26.96 -13.46 12.97
C LYS A 309 -25.58 -14.08 12.96
N LEU A 310 -24.68 -13.56 13.78
CA LEU A 310 -23.36 -14.17 13.86
C LEU A 310 -23.29 -15.07 15.10
N GLN A 311 -22.80 -16.29 14.88
CA GLN A 311 -22.71 -17.20 16.00
C GLN A 311 -21.61 -16.78 16.97
N SER A 312 -22.06 -16.24 18.13
CA SER A 312 -21.11 -15.92 19.20
C SER A 312 -21.83 -15.52 20.50
N PRO A 313 -21.71 -16.41 21.48
CA PRO A 313 -22.32 -16.26 22.80
C PRO A 313 -21.58 -15.26 23.70
N GLU A 314 -22.29 -14.66 24.66
CA GLU A 314 -21.65 -13.69 25.54
C GLU A 314 -20.66 -14.42 26.46
N VAL A 315 -19.51 -13.80 26.71
CA VAL A 315 -18.48 -14.37 27.54
C VAL A 315 -18.85 -14.32 29.00
N ARG A 316 -18.91 -15.48 29.63
CA ARG A 316 -19.25 -15.48 31.05
C ARG A 316 -18.32 -14.52 31.78
N SER A 317 -17.02 -14.87 31.73
CA SER A 317 -15.95 -14.15 32.44
C SER A 317 -15.99 -12.60 32.34
N PHE A 318 -15.77 -12.08 31.10
CA PHE A 318 -15.67 -10.63 30.89
C PHE A 318 -16.64 -9.81 31.75
N ASP A 319 -17.93 -10.22 31.74
CA ASP A 319 -18.92 -9.46 32.50
C ASP A 319 -18.47 -9.24 33.94
N ASP A 320 -18.01 -10.31 34.60
CA ASP A 320 -17.55 -10.21 35.98
C ASP A 320 -16.38 -9.23 36.15
N TYR A 321 -15.55 -9.10 35.07
CA TYR A 321 -14.35 -8.25 35.15
C TYR A 321 -14.65 -6.77 34.82
N PHE A 322 -15.40 -6.57 33.73
CA PHE A 322 -15.65 -5.20 33.28
C PHE A 322 -16.63 -4.44 34.18
N LEU A 323 -17.26 -5.18 35.11
CA LEU A 323 -18.27 -4.51 35.93
C LEU A 323 -17.72 -4.07 37.28
N LYS A 324 -16.87 -4.93 37.88
CA LYS A 324 -16.30 -4.58 39.17
C LYS A 324 -15.12 -3.58 39.02
N LEU A 325 -15.14 -2.89 37.86
CA LEU A 325 -14.11 -1.90 37.54
C LEU A 325 -14.33 -0.57 38.27
N ARG A 326 -13.26 -0.06 38.92
CA ARG A 326 -13.39 1.22 39.63
C ARG A 326 -12.55 2.36 39.02
N LEU A 327 -13.02 3.58 39.24
CA LEU A 327 -12.38 4.77 38.71
C LEU A 327 -11.01 5.08 39.30
N ASP A 328 -10.72 4.49 40.46
CA ASP A 328 -9.45 4.75 41.14
C ASP A 328 -8.54 3.55 41.21
N THR A 329 -8.99 2.40 40.72
CA THR A 329 -8.17 1.19 40.75
C THR A 329 -7.57 0.91 39.37
N ASN A 330 -8.37 1.14 38.32
CA ASN A 330 -7.97 0.93 36.93
C ASN A 330 -6.82 1.88 36.66
N THR A 331 -5.61 1.33 36.62
CA THR A 331 -4.44 2.14 36.41
C THR A 331 -3.97 2.13 34.97
N ARG A 332 -4.23 1.04 34.26
CA ARG A 332 -3.76 0.91 32.88
C ARG A 332 -4.55 1.55 31.73
N ASN A 333 -5.83 1.83 31.94
CA ASN A 333 -6.67 2.44 30.89
C ASN A 333 -6.84 3.93 31.14
N PRO A 334 -6.14 4.74 30.35
CA PRO A 334 -6.19 6.18 30.51
C PRO A 334 -7.56 6.74 30.08
N TRP A 335 -8.37 5.93 29.37
CA TRP A 335 -9.65 6.43 28.87
C TRP A 335 -10.80 6.34 29.90
N PHE A 336 -10.64 5.43 30.89
CA PHE A 336 -11.72 5.21 31.87
C PHE A 336 -12.32 6.51 32.41
N PRO A 337 -11.48 7.36 33.01
CA PRO A 337 -11.95 8.65 33.50
C PRO A 337 -12.89 9.35 32.52
N GLU A 338 -12.39 9.56 31.27
CA GLU A 338 -13.25 10.17 30.26
C GLU A 338 -14.54 9.38 30.10
N PHE A 339 -14.37 8.10 29.84
CA PHE A 339 -15.47 7.18 29.65
C PHE A 339 -16.43 7.31 30.84
N TRP A 340 -15.96 6.92 32.01
CA TRP A 340 -16.74 6.97 33.23
C TRP A 340 -17.63 8.17 33.36
N GLN A 341 -17.07 9.36 33.14
CA GLN A 341 -17.86 10.57 33.24
C GLN A 341 -18.93 10.61 32.16
N HIS A 342 -18.62 10.10 30.97
CA HIS A 342 -19.60 10.12 29.90
C HIS A 342 -20.66 9.06 30.11
N ARG A 343 -20.27 7.98 30.78
CA ARG A 343 -21.19 6.85 31.01
C ARG A 343 -22.23 7.14 32.10
N PHE A 344 -21.87 8.05 33.02
CA PHE A 344 -22.79 8.32 34.08
C PHE A 344 -23.31 9.77 33.98
N GLN A 345 -22.73 10.50 33.02
CA GLN A 345 -23.09 11.91 32.86
C GLN A 345 -22.86 12.66 34.16
N CYS A 346 -21.58 12.94 34.42
CA CYS A 346 -21.20 13.68 35.61
C CYS A 346 -19.73 14.11 35.53
N ARG A 347 -19.37 15.11 36.35
CA ARG A 347 -18.00 15.68 36.30
C ARG A 347 -17.30 15.60 37.67
N LEU A 348 -15.94 15.60 37.63
CA LEU A 348 -15.18 15.31 38.85
C LEU A 348 -14.64 16.56 39.59
N PRO A 349 -14.14 16.31 40.82
CA PRO A 349 -13.49 17.35 41.65
C PRO A 349 -12.15 17.84 41.06
N GLY A 350 -12.24 18.29 39.80
CA GLY A 350 -11.07 18.93 39.16
C GLY A 350 -10.40 18.06 38.07
N HIS A 351 -9.64 17.04 38.54
CA HIS A 351 -9.02 16.06 37.64
C HIS A 351 -8.03 16.67 36.64
N LEU A 352 -7.78 15.86 35.58
CA LEU A 352 -7.01 16.29 34.42
C LEU A 352 -7.87 16.19 33.18
N LEU A 353 -8.73 15.17 33.22
CA LEU A 353 -9.79 15.06 32.24
C LEU A 353 -11.14 15.32 32.89
N GLU A 354 -11.26 16.46 33.58
CA GLU A 354 -12.58 16.83 34.04
C GLU A 354 -13.45 17.24 32.87
N ASN A 355 -14.48 16.41 32.62
CA ASN A 355 -15.41 16.73 31.55
C ASN A 355 -16.45 17.72 32.03
N PRO A 356 -16.24 18.99 31.62
CA PRO A 356 -17.03 20.11 32.12
C PRO A 356 -18.51 19.98 31.73
N ASN A 357 -18.73 19.56 30.50
CA ASN A 357 -20.06 19.38 29.93
C ASN A 357 -21.18 19.00 30.91
N PHE A 358 -20.85 18.35 32.01
CA PHE A 358 -21.91 17.89 32.94
C PHE A 358 -22.16 18.82 34.15
N LYS A 359 -23.42 18.72 34.65
CA LYS A 359 -23.86 19.46 35.82
C LYS A 359 -23.73 18.62 37.10
N LYS A 360 -24.06 17.33 36.97
CA LYS A 360 -23.90 16.45 38.13
C LYS A 360 -22.43 16.12 38.39
N VAL A 361 -22.15 15.68 39.62
CA VAL A 361 -20.78 15.30 39.97
C VAL A 361 -20.68 13.82 40.37
N CYS A 362 -19.84 13.09 39.61
CA CYS A 362 -19.68 11.65 39.84
C CYS A 362 -19.39 11.32 41.31
N THR A 363 -20.03 10.28 41.80
CA THR A 363 -19.78 9.80 43.14
C THR A 363 -18.56 8.91 43.03
N GLY A 364 -18.45 8.22 41.89
CA GLY A 364 -17.35 7.31 41.65
C GLY A 364 -17.74 5.92 42.06
N ASN A 365 -18.91 5.83 42.70
CA ASN A 365 -19.44 4.55 43.17
C ASN A 365 -20.64 4.09 42.33
N GLU A 366 -20.91 4.76 41.21
CA GLU A 366 -22.05 4.40 40.37
C GLU A 366 -21.84 2.97 39.92
N SER A 367 -22.92 2.30 39.50
CA SER A 367 -22.75 0.92 39.07
C SER A 367 -22.81 0.86 37.55
N LEU A 368 -21.83 0.18 36.98
CA LEU A 368 -21.73 -0.01 35.53
C LEU A 368 -22.79 -0.98 35.01
N GLU A 369 -23.75 -1.34 35.90
CA GLU A 369 -24.71 -2.37 35.54
C GLU A 369 -26.01 -1.80 34.98
N GLU A 370 -26.19 -0.48 35.12
CA GLU A 370 -27.44 0.10 34.64
C GLU A 370 -27.44 0.24 33.10
N ASN A 371 -28.25 -0.64 32.48
CA ASN A 371 -28.28 -0.70 31.02
C ASN A 371 -26.98 -1.29 30.45
N TYR A 372 -26.39 -2.24 31.17
CA TYR A 372 -25.17 -2.87 30.70
C TYR A 372 -25.48 -3.86 29.62
N VAL A 373 -24.70 -3.82 28.56
CA VAL A 373 -24.83 -4.74 27.45
C VAL A 373 -23.43 -5.06 26.98
N GLN A 374 -23.06 -6.31 27.16
CA GLN A 374 -21.74 -6.71 26.76
C GLN A 374 -21.61 -6.56 25.25
N ASP A 375 -20.39 -6.23 24.81
CA ASP A 375 -20.15 -6.13 23.38
C ASP A 375 -20.67 -7.39 22.70
N SER A 376 -21.39 -7.20 21.58
CA SER A 376 -21.86 -8.39 20.89
C SER A 376 -20.69 -9.26 20.45
N LYS A 377 -19.95 -8.75 19.47
CA LYS A 377 -18.78 -9.43 18.92
C LYS A 377 -17.71 -9.68 19.99
N MET A 378 -17.94 -9.21 21.21
CA MET A 378 -17.00 -9.37 22.33
C MET A 378 -16.34 -10.74 22.41
N GLY A 379 -17.06 -11.78 22.01
CA GLY A 379 -16.49 -13.13 22.00
C GLY A 379 -15.28 -13.25 21.06
N PHE A 380 -15.46 -12.73 19.83
CA PHE A 380 -14.43 -12.76 18.79
C PHE A 380 -13.14 -12.05 19.22
N VAL A 381 -13.39 -10.84 19.75
CA VAL A 381 -12.27 -10.01 20.10
C VAL A 381 -11.27 -10.78 20.95
N ILE A 382 -11.81 -11.68 21.79
CA ILE A 382 -10.93 -12.48 22.64
C ILE A 382 -10.23 -13.61 21.86
N ASN A 383 -11.02 -14.34 21.06
CA ASN A 383 -10.43 -15.40 20.23
C ASN A 383 -9.18 -14.89 19.50
N ALA A 384 -9.42 -13.71 18.89
CA ALA A 384 -8.34 -13.07 18.15
C ALA A 384 -7.09 -13.05 19.00
N ILE A 385 -7.21 -12.38 20.16
CA ILE A 385 -6.10 -12.28 21.08
C ILE A 385 -5.45 -13.65 21.32
N TYR A 386 -6.26 -14.64 21.67
CA TYR A 386 -5.75 -15.98 21.90
C TYR A 386 -4.93 -16.53 20.73
N ALA A 387 -5.45 -16.38 19.51
CA ALA A 387 -4.76 -16.85 18.33
C ALA A 387 -3.36 -16.25 18.31
N MET A 388 -3.30 -14.96 18.63
CA MET A 388 -2.01 -14.26 18.71
C MET A 388 -1.11 -14.89 19.77
N ALA A 389 -1.76 -15.32 20.87
CA ALA A 389 -1.01 -15.99 21.92
C ALA A 389 -0.57 -17.38 21.49
N HIS A 390 -1.57 -18.20 21.10
CA HIS A 390 -1.28 -19.54 20.62
C HIS A 390 -0.21 -19.51 19.52
N GLY A 391 -0.43 -18.62 18.55
CA GLY A 391 0.56 -18.46 17.49
C GLY A 391 1.97 -18.36 18.09
N LEU A 392 2.11 -17.45 19.07
CA LEU A 392 3.41 -17.27 19.69
C LEU A 392 3.91 -18.54 20.36
N GLN A 393 3.06 -19.20 21.12
CA GLN A 393 3.46 -20.43 21.80
C GLN A 393 4.13 -21.37 20.80
N ASN A 394 3.41 -21.67 19.73
CA ASN A 394 3.93 -22.57 18.71
C ASN A 394 5.25 -22.10 18.14
N MET A 395 5.33 -20.84 17.78
CA MET A 395 6.58 -20.32 17.25
C MET A 395 7.70 -20.68 18.24
N HIS A 396 7.41 -20.51 19.52
CA HIS A 396 8.35 -20.79 20.59
C HIS A 396 8.71 -22.27 20.63
N HIS A 397 7.70 -23.12 20.65
CA HIS A 397 7.95 -24.55 20.66
C HIS A 397 8.92 -24.95 19.57
N ALA A 398 8.73 -24.43 18.36
CA ALA A 398 9.61 -24.78 17.27
C ALA A 398 10.98 -24.12 17.30
N LEU A 399 11.00 -22.82 17.57
CA LEU A 399 12.26 -22.08 17.58
C LEU A 399 13.06 -22.09 18.87
N CYS A 400 12.43 -22.42 19.98
CA CYS A 400 13.12 -22.48 21.25
C CYS A 400 12.78 -23.77 21.95
N PRO A 401 13.03 -24.91 21.32
CA PRO A 401 12.70 -26.17 21.99
C PRO A 401 13.44 -26.32 23.31
N GLY A 402 12.79 -27.01 24.26
CA GLY A 402 13.46 -27.26 25.53
C GLY A 402 13.57 -26.01 26.40
N HIS A 403 13.85 -24.87 25.74
CA HIS A 403 13.95 -23.59 26.42
C HIS A 403 12.63 -23.21 27.09
N VAL A 404 12.69 -22.59 28.28
CA VAL A 404 11.44 -22.18 28.94
C VAL A 404 11.00 -20.77 28.51
N GLY A 405 11.94 -19.81 28.61
CA GLY A 405 11.60 -18.43 28.27
C GLY A 405 11.76 -18.16 26.77
N LEU A 406 12.25 -16.96 26.43
CA LEU A 406 12.48 -16.61 25.03
C LEU A 406 13.95 -16.79 24.67
N CYS A 407 14.23 -17.45 23.56
CA CYS A 407 15.59 -17.68 23.11
C CYS A 407 15.97 -16.77 21.96
N ASP A 408 17.27 -16.62 21.75
CA ASP A 408 17.79 -15.76 20.69
C ASP A 408 17.06 -15.80 19.35
N ALA A 409 16.35 -16.89 19.07
CA ALA A 409 15.63 -17.00 17.81
C ALA A 409 14.35 -16.16 17.81
N MET A 410 13.87 -15.80 19.00
CA MET A 410 12.67 -14.98 19.13
C MET A 410 12.99 -13.60 19.73
N LYS A 411 14.27 -13.24 19.70
CA LYS A 411 14.74 -11.95 20.18
C LYS A 411 15.50 -11.36 19.01
N PRO A 412 14.81 -10.62 18.14
CA PRO A 412 13.37 -10.33 18.21
C PRO A 412 12.56 -11.41 17.50
N ILE A 413 11.23 -11.28 17.51
CA ILE A 413 10.37 -12.28 16.84
C ILE A 413 10.30 -12.00 15.35
N ASP A 414 10.33 -13.08 14.54
CA ASP A 414 10.33 -12.87 13.09
C ASP A 414 8.92 -12.82 12.47
N GLY A 415 8.67 -11.71 11.75
CA GLY A 415 7.36 -11.49 11.13
C GLY A 415 6.87 -12.68 10.29
N ARG A 416 7.43 -12.80 9.05
CA ARG A 416 6.94 -13.87 8.17
C ARG A 416 6.90 -15.23 8.90
N LYS A 417 7.81 -15.39 9.87
CA LYS A 417 7.81 -16.64 10.63
C LYS A 417 6.56 -16.76 11.50
N LEU A 418 6.29 -15.73 12.32
CA LEU A 418 5.11 -15.78 13.16
C LEU A 418 3.84 -15.88 12.33
N LEU A 419 3.93 -15.34 11.09
CA LEU A 419 2.74 -15.31 10.25
C LEU A 419 2.27 -16.70 9.85
N ASP A 420 3.12 -17.39 9.06
CA ASP A 420 2.70 -18.70 8.61
C ASP A 420 2.45 -19.62 9.81
N PHE A 421 3.11 -19.23 10.93
CA PHE A 421 2.99 -19.96 12.20
C PHE A 421 1.63 -19.74 12.85
N LEU A 422 1.12 -18.50 12.73
CA LEU A 422 -0.26 -18.20 13.21
C LEU A 422 -1.29 -18.94 12.35
N ILE A 423 -0.97 -19.01 11.06
CA ILE A 423 -1.86 -19.63 10.08
C ILE A 423 -2.06 -21.08 10.49
N LYS A 424 -0.95 -21.75 10.79
CA LYS A 424 -1.03 -23.14 11.20
C LYS A 424 -1.21 -23.23 12.72
N SER A 425 -2.34 -22.72 13.19
CA SER A 425 -2.67 -22.74 14.61
C SER A 425 -4.12 -23.17 14.79
N SER A 426 -4.37 -23.89 15.87
CA SER A 426 -5.72 -24.34 16.19
C SER A 426 -5.87 -24.33 17.71
N PHE A 427 -7.02 -23.89 18.20
CA PHE A 427 -7.26 -23.85 19.62
C PHE A 427 -8.74 -23.92 19.97
N VAL A 428 -9.02 -24.20 21.23
CA VAL A 428 -10.39 -24.29 21.71
C VAL A 428 -10.98 -22.88 21.82
N GLY A 429 -11.99 -22.61 21.02
CA GLY A 429 -12.64 -21.30 21.04
C GLY A 429 -13.03 -20.86 22.43
N VAL A 430 -13.34 -19.58 22.59
CA VAL A 430 -13.72 -19.06 23.90
C VAL A 430 -14.96 -19.77 24.40
N SER A 431 -15.71 -20.38 23.48
CA SER A 431 -16.93 -21.10 23.85
C SER A 431 -17.00 -22.49 23.20
N GLY A 432 -16.08 -23.37 23.65
CA GLY A 432 -16.12 -24.76 23.20
C GLY A 432 -16.20 -24.87 21.67
N GLU A 433 -16.00 -23.72 20.99
CA GLU A 433 -15.95 -23.75 19.54
C GLU A 433 -14.52 -24.00 19.06
N GLU A 434 -14.41 -24.66 17.89
CA GLU A 434 -13.09 -24.96 17.36
C GLU A 434 -12.52 -23.80 16.55
N VAL A 435 -11.26 -23.42 16.75
CA VAL A 435 -10.71 -22.30 15.98
C VAL A 435 -9.40 -22.61 15.27
N TRP A 436 -9.43 -22.36 13.97
CA TRP A 436 -8.29 -22.57 13.07
C TRP A 436 -8.40 -21.66 11.86
N PHE A 437 -7.40 -21.71 10.99
CA PHE A 437 -7.42 -20.86 9.82
C PHE A 437 -7.04 -21.64 8.58
N ASP A 438 -7.73 -21.36 7.48
CA ASP A 438 -7.42 -22.04 6.23
C ASP A 438 -6.20 -21.33 5.66
N GLU A 439 -5.77 -21.72 4.48
CA GLU A 439 -4.58 -21.12 3.90
C GLU A 439 -4.69 -19.64 3.52
N LYS A 440 -5.90 -19.09 3.42
CA LYS A 440 -6.06 -17.69 3.07
C LYS A 440 -6.12 -16.82 4.33
N GLY A 441 -6.21 -17.46 5.50
CA GLY A 441 -6.28 -16.71 6.74
C GLY A 441 -7.69 -16.52 7.27
N ASP A 442 -8.68 -17.10 6.60
CA ASP A 442 -10.08 -16.97 7.01
C ASP A 442 -10.46 -18.00 8.07
N ALA A 443 -11.64 -17.82 8.66
CA ALA A 443 -12.12 -18.73 9.70
C ALA A 443 -13.37 -19.46 9.23
N PRO A 444 -13.76 -20.52 9.96
CA PRO A 444 -14.95 -21.31 9.64
C PRO A 444 -16.23 -20.53 9.95
N GLY A 445 -17.23 -20.66 9.09
CA GLY A 445 -18.48 -19.91 9.29
C GLY A 445 -19.64 -20.63 9.98
N ARG A 446 -19.94 -20.15 11.21
CA ARG A 446 -21.08 -20.68 11.93
C ARG A 446 -22.08 -19.55 12.11
N TYR A 447 -23.19 -19.67 11.36
CA TYR A 447 -24.19 -18.62 11.38
C TYR A 447 -25.46 -19.10 12.09
N ASP A 448 -26.36 -18.13 12.36
CA ASP A 448 -27.64 -18.46 12.96
C ASP A 448 -28.70 -17.83 12.08
N ILE A 449 -29.74 -18.58 11.75
CA ILE A 449 -30.79 -18.03 10.91
C ILE A 449 -31.88 -17.49 11.81
N MET A 450 -32.26 -16.24 11.60
CA MET A 450 -33.28 -15.61 12.41
C MET A 450 -34.51 -15.24 11.61
N ASN A 451 -35.67 -15.29 12.26
CA ASN A 451 -36.92 -14.96 11.61
C ASN A 451 -37.72 -14.09 12.54
N LEU A 452 -38.30 -13.03 12.01
CA LEU A 452 -39.13 -12.12 12.76
C LEU A 452 -40.56 -12.59 12.68
N GLN A 453 -41.22 -12.83 13.79
CA GLN A 453 -42.61 -13.30 13.71
C GLN A 453 -43.43 -13.08 14.96
N TYR A 454 -44.75 -13.22 14.82
CA TYR A 454 -45.65 -13.13 15.94
C TYR A 454 -45.65 -14.41 16.76
N THR A 455 -45.21 -14.26 18.02
CA THR A 455 -45.26 -15.40 18.93
C THR A 455 -46.63 -15.49 19.60
N GLU A 456 -46.60 -15.63 20.93
CA GLU A 456 -47.85 -15.74 21.66
C GLU A 456 -48.25 -14.39 22.29
N ALA A 457 -47.24 -13.70 22.84
CA ALA A 457 -47.51 -12.43 23.48
C ALA A 457 -47.66 -11.29 22.45
N ASN A 458 -47.66 -10.05 23.00
CA ASN A 458 -47.88 -8.90 22.14
C ASN A 458 -46.59 -8.50 21.42
N ARG A 459 -45.60 -9.40 21.53
CA ARG A 459 -44.27 -9.06 21.06
C ARG A 459 -43.98 -9.56 19.65
N TYR A 460 -43.40 -8.65 18.85
CA TYR A 460 -42.74 -9.09 17.63
C TYR A 460 -41.27 -9.41 17.95
N ASP A 461 -40.95 -10.71 17.93
CA ASP A 461 -39.63 -11.12 18.39
C ASP A 461 -38.82 -11.81 17.30
N TYR A 462 -37.48 -11.74 17.46
CA TYR A 462 -36.58 -12.50 16.62
C TYR A 462 -36.49 -13.95 17.08
N VAL A 463 -37.06 -14.88 16.27
CA VAL A 463 -37.03 -16.28 16.69
C VAL A 463 -35.93 -17.05 15.94
N HIS A 464 -35.17 -17.78 16.74
CA HIS A 464 -34.11 -18.61 16.20
C HIS A 464 -34.76 -19.80 15.54
N VAL A 465 -34.48 -19.96 14.25
CA VAL A 465 -35.09 -21.04 13.52
C VAL A 465 -34.10 -21.96 12.82
N GLY A 466 -32.83 -21.57 12.77
CA GLY A 466 -31.96 -22.49 12.04
C GLY A 466 -30.48 -22.12 12.18
N THR A 467 -29.63 -23.08 11.78
CA THR A 467 -28.20 -22.82 11.80
C THR A 467 -27.53 -23.10 10.45
N TRP A 468 -26.35 -22.49 10.28
CA TRP A 468 -25.51 -22.74 9.13
C TRP A 468 -24.09 -23.08 9.57
N HIS A 469 -23.72 -24.39 9.57
CA HIS A 469 -22.38 -24.76 10.01
C HIS A 469 -21.50 -25.20 8.83
N GLU A 470 -20.84 -24.20 8.21
CA GLU A 470 -19.98 -24.46 7.05
C GLU A 470 -20.60 -25.39 6.01
N GLY A 471 -21.57 -24.85 5.25
CA GLY A 471 -22.18 -25.62 4.16
C GLY A 471 -23.45 -26.36 4.58
N VAL A 472 -23.56 -26.65 5.89
CA VAL A 472 -24.72 -27.41 6.36
C VAL A 472 -25.88 -26.50 6.76
N LEU A 473 -26.89 -26.46 5.89
CA LEU A 473 -28.08 -25.69 6.22
C LEU A 473 -29.05 -26.51 7.06
N ASN A 474 -29.30 -26.01 8.29
CA ASN A 474 -30.27 -26.65 9.15
C ASN A 474 -31.36 -25.66 9.49
N ILE A 475 -32.53 -25.92 8.89
CA ILE A 475 -33.66 -25.11 9.27
C ILE A 475 -34.80 -25.99 9.81
N ASP A 476 -35.20 -25.69 11.05
CA ASP A 476 -36.47 -26.22 11.51
C ASP A 476 -37.60 -25.62 10.69
N ASP A 477 -38.06 -26.41 9.69
CA ASP A 477 -39.02 -25.86 8.75
C ASP A 477 -40.35 -25.52 9.43
N TYR A 478 -40.66 -26.26 10.51
CA TYR A 478 -41.99 -25.96 11.07
C TYR A 478 -41.98 -24.75 12.00
N LYS A 479 -40.78 -24.26 12.39
CA LYS A 479 -40.70 -23.09 13.25
C LYS A 479 -40.94 -21.75 12.51
N ILE A 480 -41.00 -21.80 11.15
CA ILE A 480 -41.25 -20.56 10.42
C ILE A 480 -42.69 -20.48 9.92
N GLN B 3 19.24 9.76 13.93
CA GLN B 3 20.45 8.90 13.64
C GLN B 3 21.10 9.13 12.25
N ARG B 4 20.41 8.79 11.15
CA ARG B 4 20.96 8.97 9.80
C ARG B 4 20.77 10.40 9.29
N SER B 5 21.83 10.98 8.76
CA SER B 5 21.84 12.34 8.24
C SER B 5 20.68 12.65 7.28
N VAL B 6 20.30 13.92 7.21
CA VAL B 6 19.23 14.35 6.33
C VAL B 6 19.52 15.71 5.76
N ALA B 7 19.28 15.87 4.48
CA ALA B 7 19.51 17.15 3.83
C ALA B 7 18.25 18.02 3.86
N ARG B 8 18.39 19.24 4.40
CA ARG B 8 17.22 20.06 4.64
C ARG B 8 17.41 21.51 4.18
N MET B 9 16.46 21.95 3.33
CA MET B 9 16.39 23.36 2.96
C MET B 9 14.96 23.88 3.18
N ASP B 10 14.85 24.96 3.98
CA ASP B 10 13.51 25.40 4.38
C ASP B 10 12.80 26.21 3.29
N GLY B 11 11.46 26.09 3.30
CA GLY B 11 10.63 26.83 2.35
C GLY B 11 9.17 26.90 2.82
N ASP B 12 8.28 27.17 1.86
CA ASP B 12 6.85 27.25 2.18
C ASP B 12 6.12 25.93 1.91
N VAL B 13 6.56 25.32 0.82
CA VAL B 13 6.10 23.99 0.49
C VAL B 13 7.35 23.12 0.35
N ILE B 14 7.40 22.06 1.17
CA ILE B 14 8.63 21.27 1.19
C ILE B 14 8.54 20.03 0.34
N ILE B 15 9.27 20.02 -0.77
CA ILE B 15 9.38 18.84 -1.62
C ILE B 15 10.37 17.83 -1.05
N GLY B 16 9.86 16.62 -0.78
CA GLY B 16 10.72 15.58 -0.23
C GLY B 16 11.29 14.68 -1.33
N ALA B 17 12.53 14.21 -1.11
CA ALA B 17 13.15 13.37 -2.12
C ALA B 17 13.93 12.20 -1.50
N LEU B 18 13.96 11.08 -2.27
CA LEU B 18 14.74 9.92 -1.84
C LEU B 18 15.88 9.65 -2.83
N PHE B 19 17.12 9.89 -2.43
CA PHE B 19 18.25 9.64 -3.32
C PHE B 19 19.19 8.62 -2.75
N SER B 20 19.71 7.77 -3.61
CA SER B 20 20.66 6.75 -3.20
C SER B 20 21.98 7.43 -2.90
N VAL B 21 22.12 8.00 -1.70
CA VAL B 21 23.39 8.66 -1.38
C VAL B 21 24.51 7.64 -1.16
N HIS B 22 24.15 6.53 -0.48
CA HIS B 22 25.08 5.44 -0.29
C HIS B 22 24.67 4.22 -1.12
N HIS B 23 25.59 3.24 -1.25
CA HIS B 23 25.20 1.98 -1.85
C HIS B 23 24.33 1.19 -0.87
N GLN B 24 23.70 0.11 -1.37
CA GLN B 24 22.84 -0.65 -0.47
C GLN B 24 23.65 -1.46 0.55
N PRO B 25 23.04 -1.75 1.70
CA PRO B 25 23.66 -2.53 2.77
C PRO B 25 24.01 -3.94 2.30
N PRO B 26 25.23 -4.40 2.62
CA PRO B 26 25.70 -5.73 2.23
C PRO B 26 24.68 -6.80 2.58
N ALA B 27 24.73 -7.91 1.84
CA ALA B 27 23.81 -9.03 2.02
C ALA B 27 23.33 -9.31 3.46
N GLU B 28 24.28 -9.50 4.37
CA GLU B 28 24.00 -9.83 5.77
C GLU B 28 23.75 -8.69 6.76
N LYS B 29 23.85 -7.43 6.31
CA LYS B 29 23.63 -6.31 7.23
C LYS B 29 22.28 -5.59 7.04
N VAL B 30 21.50 -6.07 6.07
CA VAL B 30 20.18 -5.50 5.77
C VAL B 30 19.28 -5.29 7.00
N PRO B 31 19.21 -6.30 7.90
CA PRO B 31 18.39 -6.21 9.10
C PRO B 31 18.67 -4.92 9.89
N GLU B 32 19.94 -4.71 10.31
CA GLU B 32 20.23 -3.48 11.07
C GLU B 32 20.24 -2.22 10.19
N ARG B 33 20.23 -2.44 8.85
CA ARG B 33 20.06 -1.35 7.87
C ARG B 33 21.23 -0.36 7.79
N LYS B 34 22.46 -0.89 7.95
CA LYS B 34 23.66 -0.06 7.74
C LYS B 34 24.18 -0.11 6.29
N CYS B 35 24.05 1.05 5.58
CA CYS B 35 24.39 1.09 4.14
C CYS B 35 25.90 1.21 3.88
N GLY B 36 26.29 0.89 2.63
CA GLY B 36 27.71 0.83 2.27
C GLY B 36 28.31 2.17 1.84
N GLU B 37 29.22 2.09 0.83
CA GLU B 37 30.06 3.22 0.45
C GLU B 37 29.28 4.39 -0.18
N ILE B 38 29.76 5.63 -0.09
CA ILE B 38 29.02 6.74 -0.67
C ILE B 38 29.00 6.73 -2.19
N ARG B 39 28.04 7.44 -2.78
CA ARG B 39 27.88 7.48 -4.24
C ARG B 39 27.80 8.91 -4.78
N GLU B 40 28.52 9.16 -5.88
CA GLU B 40 28.53 10.48 -6.48
C GLU B 40 27.48 10.66 -7.56
N GLN B 41 27.46 9.77 -8.54
CA GLN B 41 26.50 9.89 -9.65
C GLN B 41 25.05 9.78 -9.14
N TYR B 42 24.68 8.57 -8.65
CA TYR B 42 23.32 8.32 -8.15
C TYR B 42 23.05 8.98 -6.79
N GLY B 43 23.97 9.85 -6.33
CA GLY B 43 23.82 10.35 -4.96
C GLY B 43 24.17 11.84 -4.79
N ILE B 44 25.44 12.09 -4.41
CA ILE B 44 25.83 13.46 -4.10
C ILE B 44 25.41 14.45 -5.19
N GLN B 45 25.53 14.01 -6.46
CA GLN B 45 25.13 14.89 -7.54
C GLN B 45 23.64 15.22 -7.47
N ARG B 46 22.81 14.15 -7.46
CA ARG B 46 21.37 14.34 -7.41
C ARG B 46 20.96 15.16 -6.20
N VAL B 47 21.57 14.85 -5.05
CA VAL B 47 21.31 15.70 -3.89
C VAL B 47 21.55 17.16 -4.28
N GLU B 48 22.79 17.42 -4.75
CA GLU B 48 23.15 18.77 -5.17
C GLU B 48 22.26 19.24 -6.33
N ALA B 49 21.85 18.30 -7.18
CA ALA B 49 20.99 18.63 -8.30
C ALA B 49 19.68 19.23 -7.80
N MET B 50 19.07 18.58 -6.81
CA MET B 50 17.82 19.06 -6.24
C MET B 50 18.01 20.41 -5.57
N PHE B 51 19.05 20.53 -4.76
CA PHE B 51 19.28 21.80 -4.09
C PHE B 51 19.36 22.86 -5.18
N HIS B 52 20.22 22.57 -6.19
CA HIS B 52 20.43 23.52 -7.28
C HIS B 52 19.12 23.88 -7.96
N THR B 53 18.47 22.86 -8.54
CA THR B 53 17.21 23.10 -9.22
C THR B 53 16.30 23.98 -8.38
N LEU B 54 16.01 23.50 -7.16
CA LEU B 54 15.14 24.26 -6.29
C LEU B 54 15.56 25.72 -6.18
N ASP B 55 16.85 26.00 -6.37
CA ASP B 55 17.33 27.37 -6.31
C ASP B 55 16.87 28.17 -7.50
N LYS B 56 17.03 27.62 -8.70
CA LYS B 56 16.62 28.33 -9.91
C LYS B 56 15.11 28.62 -9.91
N ILE B 57 14.35 27.75 -9.26
CA ILE B 57 12.91 27.90 -9.17
C ILE B 57 12.49 28.97 -8.16
N ASN B 58 13.30 29.18 -7.13
CA ASN B 58 13.02 30.21 -6.13
C ASN B 58 13.52 31.54 -6.69
N ALA B 59 14.11 31.46 -7.88
CA ALA B 59 14.65 32.63 -8.56
C ALA B 59 13.81 32.98 -9.75
N ASP B 60 13.06 32.00 -10.27
CA ASP B 60 12.19 32.27 -11.42
C ASP B 60 11.04 33.17 -10.98
N PRO B 61 10.94 34.30 -11.69
CA PRO B 61 9.95 35.33 -11.38
C PRO B 61 8.53 34.84 -11.66
N VAL B 62 8.42 33.87 -12.59
CA VAL B 62 7.10 33.42 -13.03
C VAL B 62 6.64 32.15 -12.32
N LEU B 63 7.60 31.21 -12.13
CA LEU B 63 7.25 29.96 -11.46
C LEU B 63 7.21 30.15 -9.94
N LEU B 64 5.99 29.98 -9.38
CA LEU B 64 5.83 30.22 -7.95
C LEU B 64 6.52 31.51 -7.47
N PRO B 65 5.88 32.66 -7.75
CA PRO B 65 6.46 33.98 -7.48
C PRO B 65 6.82 34.25 -6.00
N ASN B 66 5.80 34.13 -5.12
CA ASN B 66 6.04 34.40 -3.71
C ASN B 66 5.81 33.14 -2.87
N ILE B 67 6.26 32.01 -3.46
CA ILE B 67 6.22 30.74 -2.75
C ILE B 67 7.54 30.01 -2.91
N THR B 68 8.34 29.96 -1.85
CA THR B 68 9.63 29.30 -1.92
C THR B 68 9.49 27.80 -1.81
N LEU B 69 10.24 27.09 -2.64
CA LEU B 69 10.21 25.63 -2.61
C LEU B 69 11.37 25.16 -1.75
N GLY B 70 11.07 24.28 -0.81
CA GLY B 70 12.10 23.76 0.05
C GLY B 70 12.05 22.26 -0.02
N SER B 71 13.05 21.58 0.51
CA SER B 71 12.99 20.15 0.42
C SER B 71 13.62 19.48 1.62
N GLU B 72 13.23 18.21 1.78
CA GLU B 72 13.90 17.36 2.73
C GLU B 72 14.37 16.14 1.96
N ILE B 73 15.69 15.99 1.89
CA ILE B 73 16.26 14.92 1.10
C ILE B 73 16.77 13.80 1.99
N ARG B 74 16.25 12.60 1.80
CA ARG B 74 16.71 11.45 2.60
C ARG B 74 17.38 10.37 1.78
N ASP B 75 18.26 9.61 2.44
CA ASP B 75 19.02 8.58 1.75
C ASP B 75 18.27 7.25 1.62
N SER B 76 18.09 6.80 0.37
CA SER B 76 17.37 5.56 0.09
C SER B 76 18.26 4.35 0.12
N CYS B 77 19.56 4.58 0.04
CA CYS B 77 20.56 3.53 0.01
C CYS B 77 20.23 2.52 -1.09
N TRP B 78 19.38 2.99 -2.02
CA TRP B 78 18.96 2.09 -3.09
C TRP B 78 18.45 0.77 -2.52
N HIS B 79 17.58 0.88 -1.48
CA HIS B 79 17.04 -0.32 -0.87
C HIS B 79 15.70 -0.06 -0.17
N SER B 80 14.75 -0.95 -0.49
CA SER B 80 13.40 -0.91 0.08
C SER B 80 13.44 -0.81 1.59
N SER B 81 14.21 -1.74 2.19
CA SER B 81 14.40 -1.75 3.64
C SER B 81 14.58 -0.33 4.18
N VAL B 82 15.51 0.43 3.57
CA VAL B 82 15.80 1.78 4.06
C VAL B 82 14.84 2.85 3.52
N ALA B 83 14.66 2.85 2.18
CA ALA B 83 13.75 3.83 1.60
C ALA B 83 12.43 3.89 2.38
N LEU B 84 11.98 2.69 2.81
CA LEU B 84 10.76 2.66 3.60
C LEU B 84 11.02 3.27 4.96
N GLU B 85 12.14 2.88 5.57
CA GLU B 85 12.51 3.39 6.88
C GLU B 85 12.38 4.90 6.87
N GLN B 86 12.94 5.51 5.84
CA GLN B 86 12.92 6.96 5.71
C GLN B 86 11.53 7.46 5.34
N SER B 87 10.92 6.81 4.33
CA SER B 87 9.60 7.26 3.91
C SER B 87 8.65 7.38 5.10
N ILE B 88 8.75 6.40 6.02
CA ILE B 88 7.96 6.48 7.23
C ILE B 88 8.07 7.87 7.85
N GLU B 89 9.33 8.33 7.99
CA GLU B 89 9.62 9.62 8.60
C GLU B 89 8.96 10.77 7.85
N PHE B 90 8.92 10.65 6.52
CA PHE B 90 8.23 11.69 5.78
C PHE B 90 6.83 11.88 6.37
N ILE B 91 6.18 10.71 6.53
CA ILE B 91 4.81 10.63 7.00
C ILE B 91 4.66 10.90 8.50
N ARG B 92 5.58 10.31 9.29
CA ARG B 92 5.56 10.59 10.71
C ARG B 92 5.49 12.09 10.92
N ASP B 93 6.57 12.76 10.46
CA ASP B 93 6.63 14.21 10.55
C ASP B 93 5.35 14.88 10.04
N SER B 94 4.92 14.44 8.83
CA SER B 94 3.77 15.07 8.19
C SER B 94 2.51 15.02 9.06
N LEU B 95 2.25 13.83 9.63
CA LEU B 95 1.07 13.70 10.48
C LEU B 95 1.12 14.70 11.65
N ILE B 96 2.35 15.13 11.99
CA ILE B 96 2.53 15.90 13.21
C ILE B 96 2.30 17.41 13.02
N SER B 97 2.82 17.95 11.91
CA SER B 97 2.70 19.40 11.74
C SER B 97 1.24 19.80 11.57
N ILE B 98 0.40 18.76 11.44
CA ILE B 98 -1.04 18.96 11.28
C ILE B 98 -1.72 19.31 12.61
N ARG B 99 -0.92 19.29 13.69
CA ARG B 99 -1.47 19.56 15.02
C ARG B 99 -0.48 20.31 15.90
N LYS B 122 7.35 21.24 9.69
CA LYS B 122 6.66 21.40 8.40
C LYS B 122 6.53 20.05 7.65
N PRO B 123 5.38 19.82 6.99
CA PRO B 123 5.03 18.62 6.22
C PRO B 123 5.49 18.52 4.78
N ILE B 124 5.60 17.29 4.30
CA ILE B 124 6.01 17.00 2.94
C ILE B 124 4.82 17.24 2.03
N ALA B 125 5.10 17.70 0.81
CA ALA B 125 4.05 17.96 -0.16
C ALA B 125 4.00 16.84 -1.18
N GLY B 126 5.18 16.30 -1.50
CA GLY B 126 5.31 15.21 -2.46
C GLY B 126 6.72 14.64 -2.42
N VAL B 127 6.99 13.56 -3.15
CA VAL B 127 8.32 12.98 -3.12
C VAL B 127 8.99 12.71 -4.47
N ILE B 128 10.21 13.18 -4.63
CA ILE B 128 10.93 12.92 -5.86
C ILE B 128 11.70 11.66 -5.52
N GLY B 129 11.67 10.65 -6.38
CA GLY B 129 12.39 9.43 -6.09
C GLY B 129 11.44 8.30 -5.79
N PRO B 130 11.92 7.09 -5.48
CA PRO B 130 13.32 6.69 -5.37
C PRO B 130 13.90 6.46 -6.74
N GLY B 131 15.02 5.76 -6.77
CA GLY B 131 15.64 5.49 -8.06
C GLY B 131 15.20 4.21 -8.73
N SER B 132 15.16 3.14 -7.95
CA SER B 132 14.79 1.84 -8.46
C SER B 132 13.28 1.59 -8.51
N SER B 133 12.83 0.84 -9.51
CA SER B 133 11.42 0.51 -9.63
C SER B 133 10.99 -0.44 -8.52
N SER B 134 11.75 -1.54 -8.38
CA SER B 134 11.38 -2.50 -7.35
C SER B 134 11.20 -1.82 -5.99
N VAL B 135 11.95 -0.71 -5.80
CA VAL B 135 11.83 0.06 -4.56
C VAL B 135 10.69 1.07 -4.61
N ALA B 136 10.65 1.85 -5.72
CA ALA B 136 9.62 2.87 -5.86
C ALA B 136 8.25 2.26 -5.62
N ILE B 137 8.16 0.96 -5.91
CA ILE B 137 6.93 0.25 -5.60
C ILE B 137 6.67 0.25 -4.10
N GLN B 138 7.69 -0.11 -3.32
CA GLN B 138 7.56 -0.11 -1.87
C GLN B 138 7.25 1.29 -1.37
N VAL B 139 8.01 2.27 -1.84
CA VAL B 139 7.76 3.65 -1.44
C VAL B 139 6.33 4.07 -1.80
N GLN B 140 5.91 3.75 -3.02
CA GLN B 140 4.56 4.09 -3.49
C GLN B 140 3.46 3.38 -2.69
N ASN B 141 3.72 2.11 -2.37
CA ASN B 141 2.76 1.34 -1.61
C ASN B 141 2.54 1.94 -0.23
N LEU B 142 3.56 2.61 0.30
CA LEU B 142 3.48 3.23 1.61
C LEU B 142 3.06 4.68 1.45
N LEU B 143 3.70 5.37 0.52
CA LEU B 143 3.37 6.76 0.28
C LEU B 143 1.94 6.96 -0.14
N GLN B 144 1.34 5.99 -0.81
CA GLN B 144 -0.03 6.19 -1.25
C GLN B 144 -1.02 6.16 -0.09
N LEU B 145 -0.75 5.34 0.91
CA LEU B 145 -1.62 5.21 2.05
C LEU B 145 -1.84 6.55 2.74
N PHE B 146 -1.02 7.54 2.35
CA PHE B 146 -1.20 8.84 3.01
C PHE B 146 -1.40 10.01 2.03
N ASP B 147 -1.87 9.69 0.81
CA ASP B 147 -2.14 10.74 -0.18
C ASP B 147 -0.92 11.63 -0.48
N ILE B 148 0.26 10.99 -0.57
CA ILE B 148 1.46 11.76 -0.93
C ILE B 148 1.86 11.49 -2.39
N PRO B 149 1.68 12.40 -3.35
CA PRO B 149 2.06 12.03 -4.72
C PRO B 149 3.54 11.68 -4.76
N GLN B 150 3.94 10.90 -5.77
CA GLN B 150 5.33 10.45 -5.92
C GLN B 150 5.80 10.55 -7.37
N ILE B 151 6.78 11.40 -7.68
CA ILE B 151 7.31 11.50 -9.04
C ILE B 151 8.69 10.84 -9.15
N ALA B 152 8.80 9.91 -10.13
CA ALA B 152 10.05 9.15 -10.30
C ALA B 152 10.75 9.49 -11.63
N TYR B 153 12.09 9.36 -11.63
CA TYR B 153 12.85 9.73 -12.83
C TYR B 153 13.47 8.55 -13.58
N SER B 154 13.65 7.41 -12.90
CA SER B 154 14.31 6.29 -13.58
C SER B 154 13.56 4.97 -13.39
N ALA B 155 12.52 5.02 -12.54
CA ALA B 155 11.66 3.84 -12.43
C ALA B 155 10.87 3.65 -13.72
N THR B 156 11.18 2.54 -14.43
CA THR B 156 10.58 2.37 -15.75
C THR B 156 9.72 1.11 -15.86
N SER B 157 9.82 0.24 -14.84
CA SER B 157 9.02 -0.98 -14.90
C SER B 157 7.55 -0.65 -15.17
N ILE B 158 6.91 -1.58 -15.93
CA ILE B 158 5.53 -1.39 -16.39
C ILE B 158 4.50 -1.41 -15.25
N ASP B 159 4.76 -2.24 -14.23
CA ASP B 159 3.76 -2.44 -13.18
C ASP B 159 3.29 -1.12 -12.58
N LEU B 160 4.18 -0.13 -12.56
CA LEU B 160 3.81 1.11 -11.89
C LEU B 160 2.66 1.83 -12.60
N SER B 161 2.37 1.38 -13.83
CA SER B 161 1.31 2.00 -14.62
C SER B 161 -0.09 1.62 -14.11
N ASP B 162 -0.16 0.45 -13.46
CA ASP B 162 -1.42 0.07 -12.81
C ASP B 162 -1.79 1.08 -11.73
N LYS B 163 -2.77 1.94 -12.05
CA LYS B 163 -3.15 2.98 -11.10
C LYS B 163 -4.07 2.46 -10.01
N THR B 164 -4.62 1.24 -10.24
CA THR B 164 -5.42 0.64 -9.19
C THR B 164 -4.52 0.14 -8.05
N LEU B 165 -3.21 0.08 -8.33
CA LEU B 165 -2.27 -0.43 -7.34
C LEU B 165 -1.23 0.62 -6.92
N TYR B 166 -0.99 1.58 -7.83
CA TYR B 166 -0.02 2.63 -7.56
C TYR B 166 -0.57 4.01 -7.93
N LYS B 167 -1.79 4.26 -7.43
CA LYS B 167 -2.55 5.49 -7.71
C LYS B 167 -1.81 6.81 -7.65
N TYR B 168 -0.94 6.97 -6.65
CA TYR B 168 -0.21 8.23 -6.48
C TYR B 168 1.20 8.22 -7.08
N PHE B 169 1.40 7.46 -8.19
CA PHE B 169 2.75 7.37 -8.76
C PHE B 169 2.83 7.83 -10.23
N LEU B 170 3.77 8.74 -10.49
CA LEU B 170 4.03 9.17 -11.87
C LEU B 170 5.52 9.40 -12.11
N ARG B 171 5.87 9.63 -13.40
CA ARG B 171 7.29 9.81 -13.74
C ARG B 171 7.47 10.81 -14.89
N VAL B 172 8.72 11.21 -15.12
CA VAL B 172 9.03 12.15 -16.18
C VAL B 172 9.84 11.46 -17.24
N VAL B 173 9.71 10.14 -17.22
CA VAL B 173 10.39 9.28 -18.16
C VAL B 173 9.37 8.20 -18.54
N PRO B 174 9.43 7.66 -19.77
CA PRO B 174 8.51 6.63 -20.26
C PRO B 174 8.59 5.26 -19.61
N SER B 175 7.59 4.42 -19.89
CA SER B 175 7.59 3.07 -19.36
C SER B 175 8.47 2.21 -20.25
N ASP B 176 8.76 0.96 -19.80
CA ASP B 176 9.56 0.10 -20.66
C ASP B 176 8.82 -0.22 -21.98
N THR B 177 7.47 -0.33 -21.85
CA THR B 177 6.62 -0.72 -22.97
C THR B 177 6.83 0.14 -24.23
N LEU B 178 6.89 1.46 -24.00
CA LEU B 178 7.08 2.40 -25.10
C LEU B 178 8.17 1.92 -26.05
N GLN B 179 9.29 1.53 -25.42
CA GLN B 179 10.45 1.06 -26.15
C GLN B 179 10.06 0.11 -27.28
N ALA B 180 9.31 -0.94 -26.90
CA ALA B 180 8.90 -1.93 -27.90
C ALA B 180 8.37 -1.27 -29.18
N ARG B 181 7.44 -0.31 -28.99
CA ARG B 181 6.88 0.38 -30.16
C ARG B 181 7.98 0.92 -31.07
N ALA B 182 8.99 1.57 -30.45
CA ALA B 182 10.10 2.13 -31.24
C ALA B 182 11.01 1.06 -31.86
N MET B 183 11.22 -0.05 -31.18
CA MET B 183 12.05 -1.10 -31.73
C MET B 183 11.33 -1.72 -32.92
N LEU B 184 10.03 -1.92 -32.77
CA LEU B 184 9.26 -2.49 -33.85
C LEU B 184 9.24 -1.54 -35.03
N ASP B 185 8.96 -0.27 -34.76
CA ASP B 185 8.93 0.73 -35.83
C ASP B 185 10.25 0.75 -36.58
N ILE B 186 11.34 0.41 -35.88
CA ILE B 186 12.65 0.38 -36.51
C ILE B 186 12.65 -0.83 -37.42
N VAL B 187 12.09 -1.94 -36.92
CA VAL B 187 12.00 -3.12 -37.77
C VAL B 187 11.08 -2.89 -38.98
N LYS B 188 10.08 -2.01 -38.76
CA LYS B 188 9.10 -1.73 -39.81
C LYS B 188 9.70 -0.88 -40.94
N ARG B 189 10.53 0.09 -40.51
CA ARG B 189 11.07 1.06 -41.46
C ARG B 189 11.98 0.39 -42.51
N TYR B 190 12.52 -0.79 -42.13
CA TYR B 190 13.48 -1.45 -43.01
C TYR B 190 12.93 -2.66 -43.75
N ASN B 191 11.58 -2.78 -43.79
CA ASN B 191 10.95 -3.86 -44.56
C ASN B 191 11.44 -5.28 -44.18
N TRP B 192 11.47 -5.58 -42.86
CA TRP B 192 11.93 -6.91 -42.43
C TRP B 192 10.77 -7.82 -41.97
N THR B 193 10.82 -9.10 -42.44
CA THR B 193 9.69 -10.00 -42.16
C THR B 193 9.91 -10.96 -40.97
N TYR B 194 11.14 -11.50 -40.86
CA TYR B 194 11.44 -12.49 -39.84
C TYR B 194 12.52 -11.97 -38.89
N VAL B 195 12.22 -11.95 -37.59
CA VAL B 195 13.26 -11.57 -36.65
C VAL B 195 13.35 -12.60 -35.52
N SER B 196 14.58 -12.72 -34.98
CA SER B 196 14.74 -13.55 -33.80
C SER B 196 14.38 -12.75 -32.55
N ALA B 197 13.89 -13.47 -31.54
CA ALA B 197 13.56 -12.77 -30.30
C ALA B 197 14.35 -13.31 -29.12
N VAL B 198 15.28 -12.46 -28.65
CA VAL B 198 15.98 -12.78 -27.43
C VAL B 198 15.75 -11.68 -26.39
N HIS B 199 15.69 -12.09 -25.12
CA HIS B 199 15.58 -11.07 -24.09
C HIS B 199 16.05 -11.60 -22.74
N THR B 200 16.23 -10.67 -21.80
CA THR B 200 16.66 -11.07 -20.48
C THR B 200 15.50 -11.72 -19.74
N GLU B 201 15.85 -12.59 -18.77
CA GLU B 201 14.82 -13.17 -17.93
C GLU B 201 14.58 -12.28 -16.69
N GLY B 202 13.32 -12.11 -16.29
CA GLY B 202 13.02 -11.24 -15.17
C GLY B 202 11.91 -10.23 -15.51
N ASN B 203 11.81 -9.18 -14.67
CA ASN B 203 10.75 -8.19 -14.87
C ASN B 203 10.93 -7.40 -16.17
N TYR B 204 12.13 -6.82 -16.31
CA TYR B 204 12.48 -6.02 -17.48
C TYR B 204 12.22 -6.79 -18.79
N GLY B 205 13.04 -7.85 -18.92
CA GLY B 205 12.98 -8.66 -20.14
C GLY B 205 11.54 -8.98 -20.54
N GLU B 206 10.87 -9.79 -19.70
CA GLU B 206 9.50 -10.24 -20.03
C GLU B 206 8.58 -9.08 -20.43
N SER B 207 8.50 -8.06 -19.54
CA SER B 207 7.62 -6.92 -19.81
C SER B 207 7.72 -6.45 -21.26
N GLY B 208 8.90 -5.88 -21.60
CA GLY B 208 9.12 -5.34 -22.94
C GLY B 208 8.81 -6.34 -24.06
N MET B 209 9.45 -7.51 -24.02
CA MET B 209 9.23 -8.49 -25.06
C MET B 209 7.75 -8.81 -25.18
N ASP B 210 7.12 -9.05 -24.03
CA ASP B 210 5.70 -9.36 -24.00
C ASP B 210 4.91 -8.31 -24.79
N ALA B 211 5.41 -7.08 -24.79
CA ALA B 211 4.76 -6.01 -25.52
C ALA B 211 5.19 -6.01 -26.98
N PHE B 212 6.47 -6.40 -27.22
CA PHE B 212 6.92 -6.50 -28.60
C PHE B 212 6.19 -7.64 -29.29
N LYS B 213 6.43 -8.87 -28.76
CA LYS B 213 5.82 -10.07 -29.32
C LYS B 213 4.37 -9.85 -29.72
N GLU B 214 3.64 -9.05 -28.90
CA GLU B 214 2.24 -8.78 -29.19
C GLU B 214 2.10 -7.62 -30.18
N LEU B 215 2.78 -6.52 -29.90
CA LEU B 215 2.73 -5.39 -30.82
C LEU B 215 3.21 -5.81 -32.21
N ALA B 216 4.01 -6.89 -32.19
CA ALA B 216 4.56 -7.40 -33.43
C ALA B 216 3.54 -8.27 -34.17
N ALA B 217 2.86 -9.13 -33.40
CA ALA B 217 1.87 -10.02 -34.02
C ALA B 217 0.76 -9.25 -34.72
N GLN B 218 0.54 -8.00 -34.25
CA GLN B 218 -0.49 -7.17 -34.87
C GLN B 218 -0.02 -6.61 -36.22
N GLU B 219 1.07 -5.85 -36.18
CA GLU B 219 1.59 -5.18 -37.38
C GLU B 219 2.01 -6.16 -38.49
N GLY B 220 2.05 -7.47 -38.15
CA GLY B 220 2.27 -8.49 -39.19
C GLY B 220 3.54 -9.33 -39.01
N LEU B 221 4.61 -8.66 -38.51
CA LEU B 221 5.92 -9.33 -38.44
C LEU B 221 5.83 -10.76 -37.89
N CYS B 222 6.57 -11.68 -38.56
CA CYS B 222 6.53 -13.08 -38.13
C CYS B 222 7.75 -13.47 -37.28
N ILE B 223 7.54 -13.68 -35.98
CA ILE B 223 8.64 -13.97 -35.10
C ILE B 223 9.24 -15.32 -35.44
N ALA B 224 10.49 -15.26 -35.95
CA ALA B 224 11.26 -16.47 -36.12
C ALA B 224 11.61 -17.05 -34.75
N HIS B 225 12.88 -17.45 -34.60
CA HIS B 225 13.34 -18.06 -33.33
C HIS B 225 13.09 -17.16 -32.10
N SER B 226 12.84 -17.82 -30.93
CA SER B 226 12.55 -17.06 -29.70
C SER B 226 13.13 -17.74 -28.44
N ASP B 227 13.98 -16.96 -27.71
CA ASP B 227 14.66 -17.49 -26.52
C ASP B 227 14.73 -16.48 -25.35
N LYS B 228 15.10 -17.01 -24.15
CA LYS B 228 15.27 -16.15 -22.97
C LYS B 228 16.36 -16.67 -22.02
N ILE B 229 17.19 -15.74 -21.49
CA ILE B 229 18.32 -16.17 -20.65
C ILE B 229 18.67 -15.15 -19.54
N TYR B 230 19.18 -15.69 -18.40
CA TYR B 230 19.63 -14.85 -17.29
C TYR B 230 21.00 -14.20 -17.59
N SER B 231 21.12 -12.89 -17.28
CA SER B 231 22.38 -12.17 -17.56
C SER B 231 23.60 -12.82 -16.90
N ASN B 232 23.40 -13.35 -15.70
CA ASN B 232 24.46 -13.99 -14.94
C ASN B 232 24.52 -15.51 -15.14
N ALA B 233 24.30 -15.95 -16.39
CA ALA B 233 24.35 -17.36 -16.74
C ALA B 233 25.71 -17.69 -17.36
N GLY B 234 26.13 -18.95 -17.22
CA GLY B 234 27.42 -19.39 -17.72
C GLY B 234 27.60 -19.38 -19.22
N GLU B 235 28.85 -19.43 -19.66
CA GLU B 235 29.17 -19.43 -21.08
C GLU B 235 28.43 -20.56 -21.79
N LYS B 236 28.19 -21.64 -21.04
CA LYS B 236 27.47 -22.80 -21.57
C LYS B 236 26.08 -22.36 -22.01
N SER B 237 25.36 -21.72 -21.09
CA SER B 237 24.01 -21.23 -21.34
C SER B 237 23.91 -20.41 -22.64
N PHE B 238 24.83 -19.46 -22.82
CA PHE B 238 24.86 -18.60 -24.00
C PHE B 238 25.17 -19.35 -25.29
N ASP B 239 26.17 -20.23 -25.25
CA ASP B 239 26.53 -21.00 -26.42
C ASP B 239 25.31 -21.72 -26.98
N ARG B 240 24.52 -22.29 -26.08
CA ARG B 240 23.31 -23.01 -26.46
C ARG B 240 22.34 -22.03 -27.13
N LEU B 241 22.38 -20.78 -26.67
CA LEU B 241 21.53 -19.71 -27.19
C LEU B 241 21.98 -19.31 -28.59
N LEU B 242 23.29 -19.14 -28.74
CA LEU B 242 23.85 -18.74 -30.02
C LEU B 242 23.59 -19.79 -31.08
N ARG B 243 23.79 -21.06 -30.74
CA ARG B 243 23.55 -22.14 -31.69
C ARG B 243 22.15 -21.95 -32.23
N LYS B 244 21.16 -22.18 -31.36
CA LYS B 244 19.75 -22.05 -31.71
C LYS B 244 19.46 -20.84 -32.59
N LEU B 245 20.08 -19.70 -32.29
CA LEU B 245 19.88 -18.50 -33.10
C LEU B 245 20.35 -18.70 -34.56
N ARG B 246 21.55 -19.30 -34.69
CA ARG B 246 22.14 -19.51 -36.01
C ARG B 246 21.33 -20.51 -36.85
N GLU B 247 20.96 -21.60 -36.18
CA GLU B 247 20.27 -22.66 -36.90
C GLU B 247 19.06 -22.12 -37.67
N ARG B 248 18.35 -21.16 -37.04
CA ARG B 248 17.15 -20.62 -37.66
C ARG B 248 17.44 -19.65 -38.83
N LEU B 249 18.73 -19.37 -39.08
CA LEU B 249 19.05 -18.55 -40.26
C LEU B 249 18.50 -19.19 -41.54
N PRO B 250 18.39 -18.47 -42.68
CA PRO B 250 18.67 -17.06 -42.97
C PRO B 250 17.50 -16.12 -42.67
N LYS B 251 16.42 -16.69 -42.13
CA LYS B 251 15.25 -15.90 -41.77
C LYS B 251 15.49 -15.16 -40.45
N ALA B 252 16.01 -15.92 -39.47
CA ALA B 252 16.34 -15.33 -38.18
C ALA B 252 17.57 -14.44 -38.31
N ARG B 253 17.50 -13.52 -39.30
CA ARG B 253 18.65 -12.67 -39.60
C ARG B 253 18.72 -11.47 -38.64
N VAL B 254 17.53 -10.90 -38.38
CA VAL B 254 17.45 -9.78 -37.45
C VAL B 254 17.01 -10.25 -36.06
N VAL B 255 17.97 -10.19 -35.11
CA VAL B 255 17.61 -10.57 -33.75
C VAL B 255 17.18 -9.34 -32.95
N VAL B 256 16.01 -9.41 -32.33
CA VAL B 256 15.54 -8.34 -31.48
C VAL B 256 15.76 -8.70 -30.02
N CYS B 257 16.73 -7.99 -29.43
CA CYS B 257 17.07 -8.25 -28.04
C CYS B 257 16.46 -7.20 -27.12
N PHE B 258 15.43 -7.61 -26.39
CA PHE B 258 15.02 -6.78 -25.27
C PHE B 258 15.80 -7.23 -24.04
N CYS B 259 17.08 -6.82 -24.02
CA CYS B 259 18.04 -7.43 -23.12
C CYS B 259 18.75 -6.38 -22.27
N GLU B 260 19.12 -6.84 -21.08
CA GLU B 260 19.86 -6.03 -20.13
C GLU B 260 21.21 -5.87 -20.79
N GLY B 261 22.03 -4.97 -20.27
CA GLY B 261 23.35 -4.74 -20.86
C GLY B 261 24.11 -6.04 -21.13
N MET B 262 24.30 -6.84 -20.04
CA MET B 262 25.16 -8.01 -20.12
C MET B 262 24.58 -9.19 -20.91
N THR B 263 23.23 -9.31 -20.90
CA THR B 263 22.67 -10.39 -21.70
C THR B 263 23.21 -10.29 -23.12
N VAL B 264 23.24 -9.04 -23.60
CA VAL B 264 23.81 -8.78 -24.92
C VAL B 264 25.28 -9.22 -24.94
N ARG B 265 26.12 -8.54 -24.17
CA ARG B 265 27.55 -8.85 -24.09
C ARG B 265 27.78 -10.35 -24.02
N GLY B 266 27.03 -11.01 -23.16
CA GLY B 266 27.15 -12.45 -23.02
C GLY B 266 26.98 -13.08 -24.38
N LEU B 267 26.00 -12.62 -25.14
CA LEU B 267 25.74 -13.17 -26.48
C LEU B 267 26.88 -12.91 -27.44
N LEU B 268 27.63 -11.84 -27.18
CA LEU B 268 28.76 -11.50 -28.03
C LEU B 268 29.88 -12.46 -27.70
N SER B 269 30.06 -12.74 -26.41
CA SER B 269 31.10 -13.65 -25.98
C SER B 269 30.87 -15.03 -26.61
N ALA B 270 29.62 -15.39 -26.80
CA ALA B 270 29.26 -16.67 -27.39
C ALA B 270 29.65 -16.68 -28.87
N MET B 271 29.71 -15.49 -29.46
CA MET B 271 30.07 -15.34 -30.87
C MET B 271 31.59 -15.40 -31.01
N ARG B 272 32.29 -15.01 -29.96
CA ARG B 272 33.76 -15.01 -29.97
C ARG B 272 34.31 -16.46 -30.02
N ARG B 273 33.91 -17.28 -29.06
CA ARG B 273 34.35 -18.66 -29.01
C ARG B 273 33.96 -19.40 -30.28
N LEU B 274 32.71 -19.20 -30.73
CA LEU B 274 32.27 -19.86 -31.96
C LEU B 274 32.87 -19.14 -33.16
N GLY B 275 33.73 -18.16 -32.85
CA GLY B 275 34.44 -17.38 -33.85
C GLY B 275 33.64 -16.71 -34.96
N VAL B 276 32.31 -16.83 -34.89
CA VAL B 276 31.44 -16.24 -35.91
C VAL B 276 31.54 -14.72 -35.87
N VAL B 277 31.18 -14.08 -36.97
CA VAL B 277 31.24 -12.64 -37.01
C VAL B 277 30.08 -12.05 -37.78
N GLY B 278 29.40 -11.12 -37.11
CA GLY B 278 28.26 -10.42 -37.67
C GLY B 278 27.39 -11.10 -38.72
N GLU B 279 26.88 -12.29 -38.42
CA GLU B 279 25.96 -12.97 -39.34
C GLU B 279 24.61 -12.28 -39.19
N PHE B 280 24.45 -11.75 -37.94
CA PHE B 280 23.23 -11.13 -37.48
C PHE B 280 23.27 -9.58 -37.57
N SER B 281 22.05 -9.01 -37.50
CA SER B 281 21.87 -7.59 -37.28
C SER B 281 21.06 -7.38 -35.99
N LEU B 282 21.69 -6.78 -34.96
CA LEU B 282 20.99 -6.70 -33.68
C LEU B 282 20.21 -5.40 -33.53
N ILE B 283 19.19 -5.48 -32.69
CA ILE B 283 18.37 -4.34 -32.33
C ILE B 283 18.15 -4.48 -30.83
N GLY B 284 18.85 -3.66 -30.04
CA GLY B 284 18.73 -3.76 -28.60
C GLY B 284 18.07 -2.62 -27.85
N SER B 285 17.46 -2.96 -26.71
CA SER B 285 16.77 -2.00 -25.84
C SER B 285 17.76 -1.23 -24.98
N ASP B 286 17.28 -0.17 -24.32
CA ASP B 286 18.16 0.67 -23.50
C ASP B 286 19.03 -0.08 -22.51
N GLY B 287 18.91 -1.40 -22.48
CA GLY B 287 19.75 -2.17 -21.59
C GLY B 287 21.14 -2.08 -22.17
N TRP B 288 21.19 -2.09 -23.50
CA TRP B 288 22.44 -2.02 -24.23
C TRP B 288 22.78 -0.55 -24.48
N ALA B 289 21.83 0.20 -25.01
CA ALA B 289 22.03 1.61 -25.31
C ALA B 289 23.38 1.88 -25.91
N ASP B 290 24.00 2.98 -25.49
CA ASP B 290 25.31 3.36 -26.01
C ASP B 290 26.42 3.15 -25.02
N ARG B 291 26.32 2.07 -24.25
CA ARG B 291 27.33 1.75 -23.25
C ARG B 291 28.59 1.10 -23.86
N ASP B 292 29.76 1.79 -23.74
CA ASP B 292 31.03 1.18 -24.09
C ASP B 292 31.27 -0.07 -23.24
N GLU B 293 30.71 0.03 -22.03
CA GLU B 293 30.90 -1.02 -21.06
C GLU B 293 30.53 -2.40 -21.65
N VAL B 294 29.41 -2.41 -22.40
CA VAL B 294 28.84 -3.67 -22.88
C VAL B 294 29.65 -4.31 -24.03
N ILE B 295 30.14 -3.45 -24.96
CA ILE B 295 30.83 -4.00 -26.13
C ILE B 295 32.35 -3.97 -25.99
N GLU B 296 32.78 -3.83 -24.71
CA GLU B 296 34.21 -3.84 -24.43
C GLU B 296 34.92 -4.97 -25.16
N GLY B 297 35.84 -4.56 -26.07
CA GLY B 297 36.65 -5.56 -26.77
C GLY B 297 35.86 -6.23 -27.90
N TYR B 298 34.62 -6.63 -27.56
CA TYR B 298 33.75 -7.23 -28.55
C TYR B 298 33.23 -6.20 -29.55
N GLU B 299 34.03 -5.12 -29.71
CA GLU B 299 33.60 -4.05 -30.61
C GLU B 299 33.27 -4.60 -32.01
N VAL B 300 33.92 -5.74 -32.33
CA VAL B 300 33.76 -6.31 -33.67
C VAL B 300 32.59 -7.29 -33.74
N GLU B 301 32.56 -8.21 -32.77
CA GLU B 301 31.44 -9.14 -32.83
C GLU B 301 30.10 -8.42 -32.92
N ALA B 302 30.02 -7.24 -32.28
CA ALA B 302 28.71 -6.58 -32.14
C ALA B 302 28.55 -5.33 -33.02
N ASN B 303 29.61 -4.99 -33.76
CA ASN B 303 29.58 -3.74 -34.51
C ASN B 303 28.49 -3.73 -35.59
N GLY B 304 27.60 -2.73 -35.49
CA GLY B 304 26.54 -2.60 -36.50
C GLY B 304 25.15 -2.61 -35.87
N GLY B 305 25.07 -3.18 -34.66
CA GLY B 305 23.79 -3.24 -33.96
C GLY B 305 23.18 -1.85 -33.81
N ILE B 306 21.85 -1.89 -33.71
CA ILE B 306 21.07 -0.69 -33.46
C ILE B 306 20.46 -0.78 -32.10
N THR B 307 20.60 0.32 -31.34
CA THR B 307 20.10 0.31 -29.98
C THR B 307 19.28 1.55 -29.67
N ILE B 308 18.46 1.41 -28.61
CA ILE B 308 17.60 2.52 -28.19
C ILE B 308 18.11 3.17 -26.91
N LYS B 309 18.64 4.39 -27.05
CA LYS B 309 19.00 5.16 -25.87
C LYS B 309 17.86 6.08 -25.43
N LEU B 310 17.91 6.45 -24.14
CA LEU B 310 16.95 7.40 -23.59
C LEU B 310 17.46 8.83 -23.71
N GLN B 311 16.82 9.59 -24.62
CA GLN B 311 17.21 10.99 -24.79
C GLN B 311 17.30 11.71 -23.47
N SER B 312 18.53 12.07 -23.20
CA SER B 312 18.84 12.86 -22.05
C SER B 312 20.15 13.51 -22.34
N PRO B 313 20.04 14.73 -22.86
CA PRO B 313 21.19 15.58 -23.03
C PRO B 313 21.70 15.95 -21.65
N GLU B 314 22.99 16.30 -21.59
CA GLU B 314 23.49 16.76 -20.30
C GLU B 314 22.95 18.16 -19.98
N VAL B 315 22.85 18.47 -18.67
CA VAL B 315 22.39 19.81 -18.31
C VAL B 315 23.56 20.76 -18.35
N ARG B 316 23.41 21.81 -19.17
CA ARG B 316 24.46 22.82 -19.17
C ARG B 316 24.73 23.29 -17.74
N SER B 317 23.68 23.90 -17.16
CA SER B 317 23.75 24.54 -15.85
C SER B 317 24.43 23.73 -14.73
N PHE B 318 23.84 22.56 -14.41
CA PHE B 318 24.32 21.74 -13.28
C PHE B 318 25.84 21.67 -13.17
N ASP B 319 26.48 21.37 -14.32
CA ASP B 319 27.94 21.25 -14.33
C ASP B 319 28.61 22.46 -13.67
N ASP B 320 28.17 23.65 -14.10
CA ASP B 320 28.74 24.87 -13.52
C ASP B 320 28.55 24.93 -11.99
N TYR B 321 27.40 24.40 -11.51
CA TYR B 321 27.08 24.50 -10.07
C TYR B 321 27.79 23.44 -9.24
N PHE B 322 27.75 22.20 -9.71
CA PHE B 322 28.29 21.11 -8.90
C PHE B 322 29.82 21.18 -8.77
N LEU B 323 30.47 21.81 -9.76
CA LEU B 323 31.94 21.82 -9.78
C LEU B 323 32.55 22.95 -8.93
N LYS B 324 31.95 24.13 -8.89
CA LYS B 324 32.47 25.21 -8.10
C LYS B 324 32.06 25.04 -6.63
N LEU B 325 31.72 23.81 -6.27
CA LEU B 325 31.31 23.47 -4.91
C LEU B 325 32.52 23.39 -4.01
N ARG B 326 32.53 24.23 -2.99
CA ARG B 326 33.63 24.24 -2.06
C ARG B 326 33.24 23.46 -0.82
N LEU B 327 34.22 22.84 -0.20
CA LEU B 327 34.00 22.06 1.01
C LEU B 327 33.59 22.95 2.19
N ASP B 328 33.68 24.26 2.02
CA ASP B 328 33.34 25.18 3.09
C ASP B 328 32.24 26.21 2.82
N THR B 329 31.69 26.25 1.60
CA THR B 329 30.59 27.19 1.30
C THR B 329 29.29 26.39 1.16
N ASN B 330 29.43 25.09 0.93
CA ASN B 330 28.31 24.16 0.76
C ASN B 330 27.99 23.49 2.09
N THR B 331 27.12 24.13 2.85
CA THR B 331 26.75 23.65 4.17
C THR B 331 25.46 22.85 4.20
N ARG B 332 24.60 23.04 3.20
CA ARG B 332 23.31 22.35 3.16
C ARG B 332 23.41 20.85 2.86
N ASN B 333 24.54 20.40 2.34
CA ASN B 333 24.70 18.98 2.07
C ASN B 333 25.61 18.44 3.15
N PRO B 334 25.04 17.70 4.09
CA PRO B 334 25.79 17.15 5.19
C PRO B 334 26.77 16.04 4.72
N TRP B 335 26.44 15.40 3.59
CA TRP B 335 27.26 14.30 3.10
C TRP B 335 28.59 14.74 2.45
N PHE B 336 28.63 15.99 1.91
CA PHE B 336 29.83 16.48 1.21
C PHE B 336 31.17 16.09 1.85
N PRO B 337 31.36 16.47 3.12
CA PRO B 337 32.57 16.06 3.83
C PRO B 337 32.92 14.60 3.60
N GLU B 338 31.95 13.72 3.92
CA GLU B 338 32.20 12.29 3.69
C GLU B 338 32.59 12.05 2.25
N PHE B 339 31.71 12.51 1.36
CA PHE B 339 31.89 12.38 -0.08
C PHE B 339 33.27 12.90 -0.46
N TRP B 340 33.48 14.20 -0.28
CA TRP B 340 34.74 14.84 -0.60
C TRP B 340 35.97 14.05 -0.28
N GLN B 341 36.03 13.51 0.94
CA GLN B 341 37.18 12.71 1.34
C GLN B 341 37.26 11.41 0.55
N HIS B 342 36.11 10.84 0.21
CA HIS B 342 36.13 9.61 -0.56
C HIS B 342 36.43 9.89 -2.03
N ARG B 343 36.07 11.08 -2.49
CA ARG B 343 36.29 11.42 -3.90
C ARG B 343 37.75 11.78 -4.23
N PHE B 344 38.49 12.22 -3.18
CA PHE B 344 39.91 12.55 -3.40
C PHE B 344 40.84 11.69 -2.55
N GLN B 345 40.24 10.68 -1.86
CA GLN B 345 41.03 9.71 -1.09
C GLN B 345 41.94 10.36 -0.05
N CYS B 346 41.40 11.35 0.68
CA CYS B 346 42.21 12.03 1.71
C CYS B 346 41.36 12.38 2.94
N ARG B 347 42.03 12.63 4.09
CA ARG B 347 41.26 13.00 5.28
C ARG B 347 41.38 14.48 5.65
N LEU B 348 40.39 14.88 6.48
CA LEU B 348 40.32 16.28 6.94
C LEU B 348 40.60 16.37 8.43
N PRO B 349 41.75 16.98 8.79
CA PRO B 349 42.30 17.23 10.13
C PRO B 349 41.35 17.79 11.18
N GLY B 350 41.02 16.93 12.16
CA GLY B 350 40.13 17.32 13.26
C GLY B 350 38.73 17.71 12.82
N HIS B 351 38.08 16.82 12.07
CA HIS B 351 36.73 17.09 11.57
C HIS B 351 35.68 16.23 12.25
N LEU B 352 34.48 16.79 12.34
CA LEU B 352 33.34 16.08 12.94
C LEU B 352 32.98 14.87 12.08
N LEU B 353 33.55 14.90 10.85
CA LEU B 353 33.34 13.82 9.90
C LEU B 353 34.65 13.39 9.28
N GLU B 354 35.73 13.49 10.06
CA GLU B 354 37.03 13.11 9.53
C GLU B 354 37.12 11.61 9.26
N ASN B 355 37.50 11.27 8.01
CA ASN B 355 37.69 9.85 7.69
C ASN B 355 39.14 9.38 7.96
N PRO B 356 39.26 8.18 8.58
CA PRO B 356 40.56 7.62 8.95
C PRO B 356 41.17 6.73 7.86
N ASN B 357 40.32 6.20 6.96
CA ASN B 357 40.86 5.22 6.02
C ASN B 357 42.08 5.72 5.24
N PHE B 358 42.14 7.05 5.00
CA PHE B 358 43.09 7.56 4.00
C PHE B 358 44.46 7.95 4.58
N LYS B 359 45.41 8.24 3.65
CA LYS B 359 46.82 8.38 4.01
C LYS B 359 47.31 9.83 3.94
N LYS B 360 46.77 10.58 2.95
CA LYS B 360 47.23 11.95 2.79
C LYS B 360 46.11 12.96 3.03
N VAL B 361 46.51 14.18 3.44
CA VAL B 361 45.53 15.18 3.81
C VAL B 361 44.91 15.87 2.59
N CYS B 362 43.66 16.28 2.77
CA CYS B 362 42.87 17.00 1.77
C CYS B 362 43.31 18.46 1.71
N THR B 363 43.62 18.97 0.52
CA THR B 363 43.99 20.37 0.36
C THR B 363 42.71 21.17 0.54
N GLY B 364 41.58 20.48 0.43
CA GLY B 364 40.32 21.16 0.55
C GLY B 364 39.95 21.79 -0.78
N ASN B 365 40.95 22.17 -1.56
CA ASN B 365 40.71 22.77 -2.87
C ASN B 365 41.16 21.97 -4.07
N GLU B 366 40.97 20.66 -3.97
CA GLU B 366 41.24 19.73 -5.06
C GLU B 366 40.16 20.12 -6.06
N SER B 367 40.28 19.69 -7.31
CA SER B 367 39.26 20.07 -8.28
C SER B 367 38.37 18.88 -8.56
N LEU B 368 37.07 19.12 -8.50
CA LEU B 368 36.05 18.09 -8.72
C LEU B 368 35.93 17.75 -10.19
N GLU B 369 36.83 18.27 -11.01
CA GLU B 369 36.76 17.99 -12.43
C GLU B 369 37.50 16.72 -12.84
N GLU B 370 38.59 16.38 -12.15
CA GLU B 370 39.34 15.19 -12.54
C GLU B 370 38.45 13.97 -12.63
N ASN B 371 38.17 13.56 -13.86
CA ASN B 371 37.33 12.42 -14.16
C ASN B 371 35.87 12.70 -13.82
N TYR B 372 35.46 13.95 -14.03
CA TYR B 372 34.08 14.33 -13.76
C TYR B 372 33.16 13.83 -14.84
N VAL B 373 32.06 13.23 -14.41
CA VAL B 373 31.05 12.74 -15.33
C VAL B 373 29.71 13.04 -14.72
N GLN B 374 28.98 13.94 -15.40
CA GLN B 374 27.68 14.29 -14.89
C GLN B 374 26.79 13.07 -14.90
N ASP B 375 25.90 13.01 -13.90
CA ASP B 375 24.91 11.94 -13.88
C ASP B 375 24.22 11.81 -15.25
N SER B 376 24.09 10.56 -15.71
CA SER B 376 23.50 10.33 -17.03
C SER B 376 22.02 10.71 -17.05
N LYS B 377 21.30 10.23 -16.03
CA LYS B 377 19.87 10.53 -15.94
C LYS B 377 19.63 11.89 -15.27
N MET B 378 20.76 12.55 -14.95
CA MET B 378 20.71 13.83 -14.26
C MET B 378 19.68 14.79 -14.88
N GLY B 379 19.42 14.68 -16.17
CA GLY B 379 18.41 15.53 -16.79
C GLY B 379 17.00 15.30 -16.22
N PHE B 380 16.64 14.00 -16.11
CA PHE B 380 15.34 13.58 -15.61
C PHE B 380 15.09 14.08 -14.18
N VAL B 381 16.12 13.82 -13.37
CA VAL B 381 16.00 14.15 -11.95
C VAL B 381 15.48 15.56 -11.77
N ILE B 382 15.92 16.46 -12.67
CA ILE B 382 15.48 17.84 -12.59
C ILE B 382 14.03 18.02 -13.07
N ASN B 383 13.73 17.40 -14.23
CA ASN B 383 12.35 17.48 -14.74
C ASN B 383 11.34 17.13 -13.64
N ALA B 384 11.67 15.99 -13.01
CA ALA B 384 10.85 15.51 -11.92
C ALA B 384 10.53 16.66 -10.97
N ILE B 385 11.61 17.19 -10.37
CA ILE B 385 11.47 18.33 -9.46
C ILE B 385 10.53 19.40 -10.02
N TYR B 386 10.81 19.85 -11.23
CA TYR B 386 9.99 20.87 -11.85
C TYR B 386 8.52 20.50 -11.85
N ALA B 387 8.22 19.28 -12.28
CA ALA B 387 6.83 18.82 -12.32
C ALA B 387 6.18 19.04 -10.95
N MET B 388 6.95 18.71 -9.92
CA MET B 388 6.49 18.88 -8.55
C MET B 388 6.25 20.37 -8.31
N ALA B 389 7.09 21.20 -8.91
CA ALA B 389 6.93 22.63 -8.76
C ALA B 389 5.67 23.06 -9.50
N HIS B 390 5.73 22.92 -10.84
CA HIS B 390 4.61 23.26 -11.70
C HIS B 390 3.28 22.75 -11.12
N GLY B 391 3.30 21.46 -10.74
CA GLY B 391 2.11 20.90 -10.11
C GLY B 391 1.57 21.85 -9.04
N LEU B 392 2.48 22.27 -8.15
CA LEU B 392 2.08 23.17 -7.08
C LEU B 392 1.56 24.49 -7.61
N GLN B 393 2.26 25.10 -8.56
CA GLN B 393 1.82 26.37 -9.12
C GLN B 393 0.34 26.27 -9.50
N ASN B 394 0.04 25.31 -10.36
CA ASN B 394 -1.32 25.12 -10.81
C ASN B 394 -2.28 24.94 -9.67
N MET B 395 -1.94 24.09 -8.72
CA MET B 395 -2.91 23.97 -7.63
C MET B 395 -3.15 25.32 -6.97
N HIS B 396 -2.10 26.17 -7.06
CA HIS B 396 -2.19 27.49 -6.47
C HIS B 396 -3.08 28.42 -7.29
N HIS B 397 -2.86 28.39 -8.62
CA HIS B 397 -3.61 29.24 -9.52
C HIS B 397 -5.11 28.94 -9.42
N ALA B 398 -5.40 27.64 -9.26
CA ALA B 398 -6.79 27.22 -9.23
C ALA B 398 -7.43 27.44 -7.85
N LEU B 399 -6.64 27.21 -6.79
CA LEU B 399 -7.24 27.21 -5.47
C LEU B 399 -6.91 28.43 -4.64
N CYS B 400 -5.94 29.24 -5.06
CA CYS B 400 -5.65 30.44 -4.31
C CYS B 400 -5.71 31.63 -5.24
N PRO B 401 -6.91 31.91 -5.78
CA PRO B 401 -7.12 33.03 -6.70
C PRO B 401 -7.15 34.27 -5.86
N GLY B 402 -6.43 35.31 -6.29
CA GLY B 402 -6.42 36.54 -5.52
C GLY B 402 -5.27 36.62 -4.53
N HIS B 403 -4.82 35.48 -4.05
CA HIS B 403 -3.72 35.47 -3.10
C HIS B 403 -2.43 35.29 -3.88
N VAL B 404 -1.38 35.99 -3.50
CA VAL B 404 -0.11 35.84 -4.18
C VAL B 404 0.67 34.71 -3.54
N GLY B 405 0.52 34.60 -2.22
CA GLY B 405 1.20 33.56 -1.46
C GLY B 405 0.30 32.38 -1.25
N LEU B 406 0.50 31.65 -0.16
CA LEU B 406 -0.34 30.48 0.10
C LEU B 406 -1.59 30.83 0.86
N CYS B 407 -2.74 30.36 0.40
CA CYS B 407 -4.00 30.64 1.08
C CYS B 407 -4.50 29.45 1.84
N ASP B 408 -5.39 29.70 2.80
CA ASP B 408 -5.96 28.65 3.64
C ASP B 408 -6.31 27.33 2.95
N ALA B 409 -6.52 27.37 1.63
CA ALA B 409 -6.86 26.16 0.91
C ALA B 409 -5.63 25.27 0.69
N MET B 410 -4.45 25.86 0.80
CA MET B 410 -3.20 25.13 0.63
C MET B 410 -2.41 25.06 1.94
N LYS B 411 -3.10 25.35 3.04
CA LYS B 411 -2.51 25.29 4.37
C LYS B 411 -3.42 24.36 5.15
N PRO B 412 -3.13 23.05 5.12
CA PRO B 412 -2.01 22.44 4.40
C PRO B 412 -2.42 22.08 2.99
N ILE B 413 -1.49 21.52 2.21
CA ILE B 413 -1.77 21.14 0.82
C ILE B 413 -2.49 19.80 0.78
N ASP B 414 -3.48 19.67 -0.12
CA ASP B 414 -4.24 18.42 -0.16
C ASP B 414 -3.67 17.40 -1.14
N GLY B 415 -3.38 16.22 -0.58
CA GLY B 415 -2.80 15.12 -1.35
C GLY B 415 -3.55 14.85 -2.66
N ARG B 416 -4.69 14.12 -2.55
CA ARG B 416 -5.41 13.75 -3.77
C ARG B 416 -5.61 14.92 -4.73
N LYS B 417 -5.70 16.16 -4.18
CA LYS B 417 -5.88 17.29 -5.07
C LYS B 417 -4.60 17.62 -5.86
N LEU B 418 -3.47 17.77 -5.12
CA LEU B 418 -2.24 18.06 -5.84
C LEU B 418 -1.96 17.00 -6.91
N LEU B 419 -2.37 15.75 -6.62
CA LEU B 419 -2.00 14.64 -7.48
C LEU B 419 -2.60 14.72 -8.89
N ASP B 420 -3.94 14.64 -8.95
CA ASP B 420 -4.56 14.71 -10.26
C ASP B 420 -4.22 16.04 -10.93
N PHE B 421 -3.86 17.02 -10.07
CA PHE B 421 -3.34 18.31 -10.51
C PHE B 421 -2.03 18.13 -11.28
N LEU B 422 -1.09 17.46 -10.60
CA LEU B 422 0.20 17.19 -11.21
C LEU B 422 0.00 16.59 -12.61
N ILE B 423 -0.84 15.57 -12.58
CA ILE B 423 -1.21 14.83 -13.78
C ILE B 423 -1.54 15.80 -14.91
N LYS B 424 -2.49 16.68 -14.68
CA LYS B 424 -2.89 17.64 -15.69
C LYS B 424 -1.86 18.76 -15.84
N SER B 425 -0.58 18.45 -15.74
CA SER B 425 0.42 19.49 -15.90
C SER B 425 1.23 19.31 -17.17
N SER B 426 1.78 20.43 -17.65
CA SER B 426 2.56 20.47 -18.88
C SER B 426 3.59 21.58 -18.81
N PHE B 427 4.85 21.24 -19.04
CA PHE B 427 5.91 22.24 -18.99
C PHE B 427 7.05 21.98 -19.96
N VAL B 428 7.85 23.01 -20.18
CA VAL B 428 8.98 22.91 -21.08
C VAL B 428 10.09 22.11 -20.42
N GLY B 429 10.39 20.95 -21.00
CA GLY B 429 11.44 20.11 -20.46
C GLY B 429 12.74 20.86 -20.22
N VAL B 430 13.63 20.24 -19.46
CA VAL B 430 14.91 20.88 -19.14
C VAL B 430 15.68 21.18 -20.43
N SER B 431 15.35 20.44 -21.48
CA SER B 431 16.01 20.63 -22.77
C SER B 431 15.00 20.72 -23.93
N GLY B 432 14.20 21.81 -23.91
CA GLY B 432 13.28 22.05 -25.01
C GLY B 432 12.18 20.98 -25.12
N GLU B 433 12.53 19.77 -24.64
CA GLU B 433 11.60 18.65 -24.69
C GLU B 433 10.25 19.01 -24.04
N GLU B 434 9.16 18.44 -24.60
CA GLU B 434 7.86 18.71 -23.99
C GLU B 434 7.55 17.76 -22.83
N VAL B 435 7.03 18.23 -21.69
CA VAL B 435 6.72 17.31 -20.59
C VAL B 435 5.30 17.37 -20.05
N TRP B 436 4.66 16.20 -20.05
CA TRP B 436 3.29 16.03 -19.58
C TRP B 436 3.09 14.59 -19.12
N PHE B 437 1.90 14.29 -18.62
CA PHE B 437 1.61 12.94 -18.15
C PHE B 437 0.27 12.45 -18.65
N ASP B 438 0.21 11.19 -19.06
CA ASP B 438 -1.04 10.64 -19.51
C ASP B 438 -1.84 10.32 -18.27
N GLU B 439 -3.01 9.73 -18.43
CA GLU B 439 -3.86 9.41 -17.29
C GLU B 439 -3.31 8.37 -16.31
N LYS B 440 -2.32 7.58 -16.73
CA LYS B 440 -1.75 6.58 -15.83
C LYS B 440 -0.55 7.14 -15.06
N GLY B 441 -0.12 8.34 -15.44
CA GLY B 441 1.02 8.96 -14.76
C GLY B 441 2.35 8.74 -15.47
N ASP B 442 2.32 8.12 -16.65
CA ASP B 442 3.53 7.86 -17.42
C ASP B 442 3.92 9.04 -18.30
N ALA B 443 5.13 8.99 -18.84
CA ALA B 443 5.61 10.07 -19.69
C ALA B 443 5.81 9.60 -21.13
N PRO B 444 5.96 10.61 -22.02
CA PRO B 444 6.10 10.47 -23.47
C PRO B 444 7.44 9.84 -23.85
N GLY B 445 7.43 9.20 -25.03
CA GLY B 445 8.55 8.51 -25.64
C GLY B 445 9.58 9.50 -26.20
N ARG B 446 10.86 9.19 -25.96
CA ARG B 446 11.93 10.02 -26.48
C ARG B 446 13.22 9.20 -26.65
N TYR B 447 13.10 8.11 -27.43
CA TYR B 447 14.26 7.26 -27.61
C TYR B 447 15.20 7.80 -28.69
N ASP B 448 16.50 7.54 -28.47
CA ASP B 448 17.51 7.92 -29.46
C ASP B 448 18.08 6.65 -30.13
N ILE B 449 18.03 6.63 -31.48
CA ILE B 449 18.51 5.42 -32.15
C ILE B 449 20.03 5.41 -32.33
N MET B 450 20.70 4.55 -31.51
CA MET B 450 22.16 4.47 -31.64
C MET B 450 22.56 3.30 -32.50
N ASN B 451 23.59 3.50 -33.29
CA ASN B 451 24.12 2.46 -34.16
C ASN B 451 25.63 2.38 -33.91
N LEU B 452 26.15 1.17 -33.80
CA LEU B 452 27.58 0.97 -33.58
C LEU B 452 28.28 0.82 -34.93
N GLN B 453 29.32 1.59 -35.18
CA GLN B 453 30.04 1.50 -36.44
C GLN B 453 31.46 2.06 -36.32
N TYR B 454 32.24 1.96 -37.40
CA TYR B 454 33.61 2.45 -37.38
C TYR B 454 33.67 3.84 -38.01
N THR B 455 34.10 4.83 -37.22
CA THR B 455 34.27 6.22 -37.67
C THR B 455 35.68 6.58 -38.19
N GLU B 456 36.49 7.22 -37.32
CA GLU B 456 37.72 7.88 -37.82
C GLU B 456 39.02 7.37 -37.22
N ALA B 457 39.00 7.12 -35.91
CA ALA B 457 40.17 6.53 -35.27
C ALA B 457 39.92 5.05 -34.99
N ASN B 458 40.83 4.44 -34.21
CA ASN B 458 40.52 3.07 -33.82
C ASN B 458 39.36 2.98 -32.85
N ARG B 459 38.50 4.02 -32.88
CA ARG B 459 37.37 4.00 -31.96
C ARG B 459 36.12 3.44 -32.62
N TYR B 460 35.65 2.30 -32.08
CA TYR B 460 34.28 1.92 -32.34
C TYR B 460 33.37 2.79 -31.50
N ASP B 461 32.59 3.63 -32.19
CA ASP B 461 31.76 4.57 -31.48
C ASP B 461 30.29 4.30 -31.75
N TYR B 462 29.48 4.47 -30.70
CA TYR B 462 28.04 4.52 -30.88
C TYR B 462 27.66 5.76 -31.68
N VAL B 463 27.03 5.67 -32.84
CA VAL B 463 26.67 6.90 -33.54
C VAL B 463 25.17 7.18 -33.50
N HIS B 464 24.84 8.42 -33.17
CA HIS B 464 23.45 8.83 -33.11
C HIS B 464 22.95 8.93 -34.52
N VAL B 465 21.91 8.16 -34.82
CA VAL B 465 21.40 8.16 -36.18
C VAL B 465 19.89 8.47 -36.29
N GLY B 466 19.20 8.51 -35.13
CA GLY B 466 17.75 8.75 -35.24
C GLY B 466 17.05 8.97 -33.89
N THR B 467 15.80 9.49 -33.99
CA THR B 467 14.96 9.73 -32.82
C THR B 467 13.57 9.12 -32.97
N TRP B 468 12.97 8.84 -31.79
CA TRP B 468 11.59 8.35 -31.74
C TRP B 468 10.76 9.23 -30.79
N HIS B 469 10.04 10.22 -31.35
CA HIS B 469 9.25 11.09 -30.50
C HIS B 469 7.76 10.70 -30.49
N GLU B 470 7.40 9.80 -29.54
CA GLU B 470 6.02 9.31 -29.46
C GLU B 470 5.41 8.99 -30.82
N GLY B 471 5.79 7.81 -31.36
CA GLY B 471 5.17 7.35 -32.61
C GLY B 471 5.94 7.80 -33.86
N VAL B 472 6.67 8.93 -33.75
CA VAL B 472 7.38 9.46 -34.91
C VAL B 472 8.79 8.89 -35.02
N LEU B 473 8.95 7.95 -35.97
CA LEU B 473 10.29 7.44 -36.25
C LEU B 473 11.02 8.33 -37.24
N ASN B 474 12.22 8.75 -36.83
CA ASN B 474 13.04 9.59 -37.69
C ASN B 474 14.47 9.05 -37.74
N ILE B 475 14.75 8.31 -38.83
CA ILE B 475 16.10 7.82 -39.00
C ILE B 475 16.76 8.46 -40.22
N ASP B 476 17.83 9.23 -39.94
CA ASP B 476 18.69 9.64 -41.04
C ASP B 476 19.25 8.39 -41.72
N ASP B 477 18.54 7.96 -42.78
CA ASP B 477 18.86 6.68 -43.40
C ASP B 477 20.30 6.60 -43.92
N TYR B 478 20.84 7.76 -44.32
CA TYR B 478 22.17 7.72 -44.92
C TYR B 478 23.28 7.59 -43.88
N LYS B 479 22.92 7.86 -42.60
CA LYS B 479 23.94 7.82 -41.54
C LYS B 479 24.26 6.40 -41.07
N ILE B 480 23.45 5.42 -41.54
CA ILE B 480 23.73 4.03 -41.17
C ILE B 480 24.41 3.28 -42.31
S SO4 C . -21.11 2.92 21.79
O1 SO4 C . -21.00 3.97 20.75
O2 SO4 C . -21.91 1.81 21.23
O3 SO4 C . -21.75 3.47 23.02
O4 SO4 C . -19.80 2.40 22.14
S SO4 D . -25.72 0.43 11.07
O1 SO4 D . -26.06 1.12 9.82
O2 SO4 D . -26.30 -0.93 11.10
O3 SO4 D . -26.24 1.24 12.19
O4 SO4 D . -24.26 0.31 11.17
C1 NAG E . 6.10 39.30 -3.89
C2 NAG E . 5.89 40.52 -2.96
C3 NAG E . 6.12 41.82 -3.77
C4 NAG E . 7.51 41.78 -4.46
C5 NAG E . 7.76 40.44 -5.22
C6 NAG E . 9.23 40.31 -5.67
C7 NAG E . 4.39 40.62 -1.08
C8 NAG E . 2.96 40.57 -0.53
N2 NAG E . 4.56 40.48 -2.39
O3 NAG E . 6.05 42.95 -2.91
O4 NAG E . 7.62 42.88 -5.36
O5 NAG E . 7.46 39.30 -4.39
O6 NAG E . 9.63 38.95 -5.85
O7 NAG E . 5.32 40.79 -0.30
S SO4 F . 28.82 6.10 -7.96
O1 SO4 F . 29.97 6.79 -7.32
O2 SO4 F . 27.66 7.00 -7.97
O3 SO4 F . 28.51 4.87 -7.21
O4 SO4 F . 29.15 5.77 -9.36
S SO4 G . 23.59 -4.93 -16.63
O1 SO4 G . 23.68 -4.13 -15.39
O2 SO4 G . 23.31 -4.04 -17.76
O3 SO4 G . 22.52 -5.94 -16.53
O4 SO4 G . 24.87 -5.61 -16.83
#